data_5VIU
#
_entry.id   5VIU
#
_cell.length_a   136.600
_cell.length_b   77.470
_cell.length_c   104.960
_cell.angle_alpha   90.000
_cell.angle_beta   129.460
_cell.angle_gamma   90.000
#
_symmetry.space_group_name_H-M   'C 1 2 1'
#
loop_
_entity.id
_entity.type
_entity.pdbx_description
1 polymer 'Acetylornithine aminotransferase'
2 non-polymer 1,2-ETHANEDIOL
3 non-polymer 'CITRIC ACID'
4 water water
#
_entity_poly.entity_id   1
_entity_poly.type   'polypeptide(L)'
_entity_poly.pdbx_seq_one_letter_code
;MAHHHHHHMSETKNSEYFIELEEKHGAHNYHPLPVVLDRGEGVFVWDVEGKKYYDFLSAYSAVNQGHSHPKIVEALVEQA
SKLALTSRAFYNSKLGEYEQKITSLLGFDKVLPMNSGAEAVETAVKLARKWSYEVKGIAENAAKIIVCENNFHGRTTTIV
SFSNDPDANQNYGPFTPGFIRIPYNDIAALEEVLSKEAGNIAAFLVEPIQGEAGVYVPNEGFLKQSSELCKKHNVLFIAD
EVQTGIARTGKLIACHHEDVQPDILILGKALSGGMYPVSAVLANNNIMDVIKPGQHGSTFGGNPLACAVAMAALDVVQDE
KLSERAEKLGNLFRSEIEKLIEKTDLITKVRGKGLLNAILINDTPDSSTAWNLCLALKENGLLAKPTHGNIIRLAPPLVI
TEEQLLDCVKIIEKTILEF
;
_entity_poly.pdbx_strand_id   A,B
#
# COMPACT_ATOMS: atom_id res chain seq x y z
N THR A 12 -9.15 15.36 29.64
CA THR A 12 -8.47 16.28 28.75
C THR A 12 -8.46 15.76 27.32
N LYS A 13 -8.28 14.43 27.17
CA LYS A 13 -8.13 13.82 25.85
C LYS A 13 -9.51 13.42 25.29
N ASN A 14 -10.32 14.45 25.02
CA ASN A 14 -11.62 14.25 24.42
C ASN A 14 -11.50 14.33 22.89
N SER A 15 -12.64 14.33 22.19
CA SER A 15 -12.63 14.32 20.73
C SER A 15 -11.94 15.56 20.17
N GLU A 16 -12.19 16.73 20.77
CA GLU A 16 -11.56 17.95 20.27
C GLU A 16 -10.05 17.91 20.45
N TYR A 17 -9.57 17.26 21.50
CA TYR A 17 -8.13 17.10 21.70
C TYR A 17 -7.47 16.38 20.53
N PHE A 18 -8.11 15.31 20.03
CA PHE A 18 -7.53 14.58 18.91
C PHE A 18 -7.63 15.37 17.61
N ILE A 19 -8.76 16.05 17.41
CA ILE A 19 -8.92 16.86 16.20
C ILE A 19 -7.85 17.95 16.15
N GLU A 20 -7.55 18.57 17.30
CA GLU A 20 -6.56 19.64 17.30
C GLU A 20 -5.15 19.11 17.12
N LEU A 21 -4.87 17.89 17.60
CA LEU A 21 -3.58 17.26 17.31
C LEU A 21 -3.37 17.12 15.81
N GLU A 22 -4.39 16.64 15.11
CA GLU A 22 -4.24 16.42 13.67
C GLU A 22 -4.12 17.75 12.93
N GLU A 23 -4.87 18.76 13.37
CA GLU A 23 -4.74 20.08 12.74
C GLU A 23 -3.30 20.58 12.86
N LYS A 24 -2.66 20.34 14.01
CA LYS A 24 -1.33 20.88 14.24
C LYS A 24 -0.24 20.09 13.54
N HIS A 25 -0.34 18.76 13.56
CA HIS A 25 0.77 17.93 13.16
CA HIS A 25 0.76 17.89 13.19
C HIS A 25 0.49 17.03 11.96
N GLY A 26 -0.69 17.10 11.38
CA GLY A 26 -1.04 16.29 10.22
C GLY A 26 -1.32 17.16 9.02
N ALA A 27 -1.01 16.63 7.84
CA ALA A 27 -1.36 17.30 6.60
C ALA A 27 -2.87 17.52 6.55
N HIS A 28 -3.28 18.64 5.95
CA HIS A 28 -4.70 18.97 5.88
C HIS A 28 -5.30 18.49 4.55
N ASN A 29 -5.17 17.20 4.27
CA ASN A 29 -5.62 16.69 2.98
C ASN A 29 -6.97 16.02 3.05
N TYR A 30 -7.64 16.01 4.20
CA TYR A 30 -8.98 15.43 4.30
C TYR A 30 -9.90 16.34 5.11
N HIS A 31 -11.21 16.15 4.88
CA HIS A 31 -12.25 16.87 5.60
C HIS A 31 -13.23 15.83 6.15
N PRO A 32 -12.88 15.18 7.26
CA PRO A 32 -13.76 14.14 7.80
CA PRO A 32 -13.76 14.13 7.79
C PRO A 32 -15.00 14.72 8.46
N LEU A 33 -16.02 13.87 8.56
CA LEU A 33 -17.14 14.21 9.42
C LEU A 33 -16.60 14.34 10.84
N PRO A 34 -17.01 15.35 11.60
CA PRO A 34 -16.33 15.61 12.89
C PRO A 34 -16.77 14.67 14.00
N VAL A 35 -16.27 13.43 13.93
CA VAL A 35 -16.46 12.40 14.95
C VAL A 35 -15.14 11.66 15.06
N VAL A 36 -14.73 11.36 16.29
CA VAL A 36 -13.45 10.71 16.54
C VAL A 36 -13.74 9.32 17.10
N LEU A 37 -13.50 8.30 16.29
CA LEU A 37 -13.86 6.93 16.64
C LEU A 37 -12.70 6.26 17.35
N ASP A 38 -13.01 5.48 18.38
CA ASP A 38 -11.93 4.76 19.04
CA ASP A 38 -12.05 4.80 19.24
C ASP A 38 -12.22 3.28 19.27
N ARG A 39 -13.39 2.76 18.92
CA ARG A 39 -13.66 1.34 19.09
C ARG A 39 -14.67 0.89 18.05
N GLY A 40 -14.51 -0.33 17.53
CA GLY A 40 -15.51 -0.85 16.62
C GLY A 40 -15.78 -2.31 16.90
N GLU A 41 -17.04 -2.73 16.75
CA GLU A 41 -17.41 -4.12 16.94
CA GLU A 41 -17.42 -4.12 16.95
C GLU A 41 -18.63 -4.41 16.08
N GLY A 42 -18.45 -5.22 15.04
CA GLY A 42 -19.56 -5.54 14.16
C GLY A 42 -20.01 -4.33 13.38
N VAL A 43 -21.33 -4.06 13.44
CA VAL A 43 -21.85 -2.89 12.74
C VAL A 43 -21.68 -1.59 13.51
N PHE A 44 -21.17 -1.64 14.74
CA PHE A 44 -21.13 -0.48 15.61
C PHE A 44 -19.73 0.09 15.76
N VAL A 45 -19.66 1.42 15.92
CA VAL A 45 -18.44 2.09 16.34
C VAL A 45 -18.82 3.04 17.48
N TRP A 46 -17.83 3.38 18.30
CA TRP A 46 -18.02 4.29 19.42
C TRP A 46 -17.03 5.44 19.30
N ASP A 47 -17.47 6.65 19.62
CA ASP A 47 -16.54 7.76 19.64
C ASP A 47 -15.85 7.86 21.00
N VAL A 48 -14.94 8.84 21.12
CA VAL A 48 -14.11 8.96 22.32
C VAL A 48 -14.95 9.26 23.56
N GLU A 49 -16.09 9.93 23.38
CA GLU A 49 -17.00 10.21 24.49
C GLU A 49 -17.92 9.05 24.83
N GLY A 50 -17.85 7.94 24.10
CA GLY A 50 -18.63 6.77 24.42
C GLY A 50 -19.93 6.62 23.67
N LYS A 51 -20.26 7.54 22.76
CA LYS A 51 -21.51 7.42 22.03
CA LYS A 51 -21.52 7.43 22.02
C LYS A 51 -21.39 6.33 20.97
N LYS A 52 -22.47 5.56 20.80
CA LYS A 52 -22.50 4.43 19.88
C LYS A 52 -23.20 4.81 18.59
N TYR A 53 -22.68 4.31 17.46
CA TYR A 53 -23.22 4.59 16.14
C TYR A 53 -23.21 3.35 15.28
N TYR A 54 -24.20 3.26 14.40
CA TYR A 54 -24.10 2.35 13.27
C TYR A 54 -23.12 2.93 12.25
N ASP A 55 -22.17 2.11 11.81
CA ASP A 55 -21.28 2.52 10.73
C ASP A 55 -21.95 2.25 9.39
N PHE A 56 -22.34 3.32 8.68
CA PHE A 56 -22.95 3.16 7.36
C PHE A 56 -22.01 3.54 6.22
N LEU A 57 -20.71 3.44 6.46
CA LEU A 57 -19.70 3.64 5.43
C LEU A 57 -18.84 2.40 5.22
N SER A 58 -18.65 1.62 6.28
CA SER A 58 -17.80 0.42 6.25
C SER A 58 -16.39 0.73 5.73
N ALA A 59 -15.86 1.92 6.06
CA ALA A 59 -14.57 2.38 5.54
C ALA A 59 -14.50 2.24 4.02
N TYR A 60 -15.54 2.74 3.34
CA TYR A 60 -15.68 2.66 1.87
C TYR A 60 -15.69 1.22 1.39
N SER A 61 -16.45 0.37 2.10
CA SER A 61 -16.72 -1.02 1.72
C SER A 61 -15.48 -1.91 1.90
N ALA A 62 -14.62 -1.59 2.87
CA ALA A 62 -13.60 -2.54 3.29
C ALA A 62 -14.05 -3.39 4.47
N VAL A 63 -14.92 -2.86 5.35
CA VAL A 63 -15.26 -3.61 6.56
C VAL A 63 -16.55 -4.40 6.34
N ASN A 64 -16.56 -5.26 5.32
CA ASN A 64 -17.77 -6.01 5.01
C ASN A 64 -18.11 -6.98 6.11
N GLN A 65 -17.10 -7.49 6.80
CA GLN A 65 -17.25 -8.52 7.81
C GLN A 65 -17.53 -7.95 9.19
N GLY A 66 -17.69 -6.63 9.30
CA GLY A 66 -17.87 -6.02 10.61
C GLY A 66 -16.54 -5.69 11.26
N HIS A 67 -16.58 -4.69 12.14
CA HIS A 67 -15.36 -4.29 12.84
C HIS A 67 -14.93 -5.34 13.85
N SER A 68 -13.62 -5.58 13.93
CA SER A 68 -13.06 -6.45 14.97
C SER A 68 -13.73 -7.83 14.96
N HIS A 69 -13.88 -8.40 13.77
CA HIS A 69 -14.49 -9.72 13.70
C HIS A 69 -13.61 -10.73 14.45
N PRO A 70 -14.18 -11.50 15.39
CA PRO A 70 -13.33 -12.37 16.23
C PRO A 70 -12.44 -13.32 15.44
N LYS A 71 -12.92 -13.82 14.30
CA LYS A 71 -12.12 -14.76 13.52
C LYS A 71 -10.97 -14.05 12.83
N ILE A 72 -11.20 -12.81 12.38
CA ILE A 72 -10.15 -12.07 11.69
C ILE A 72 -9.12 -11.54 12.68
N VAL A 73 -9.59 -11.02 13.83
CA VAL A 73 -8.68 -10.68 14.92
C VAL A 73 -7.82 -11.88 15.29
N GLU A 74 -8.45 -13.04 15.47
CA GLU A 74 -7.72 -14.23 15.91
C GLU A 74 -6.64 -14.60 14.91
N ALA A 75 -6.98 -14.59 13.62
CA ALA A 75 -5.99 -14.89 12.58
C ALA A 75 -4.82 -13.92 12.60
N LEU A 76 -5.11 -12.62 12.77
CA LEU A 76 -4.06 -11.61 12.81
C LEU A 76 -3.15 -11.82 14.00
N VAL A 77 -3.75 -12.05 15.17
CA VAL A 77 -2.93 -12.16 16.37
C VAL A 77 -2.07 -13.42 16.32
N GLU A 78 -2.67 -14.53 15.87
CA GLU A 78 -1.91 -15.77 15.74
CA GLU A 78 -1.93 -15.78 15.70
C GLU A 78 -0.72 -15.59 14.81
N GLN A 79 -0.94 -15.04 13.61
CA GLN A 79 0.15 -14.96 12.65
C GLN A 79 1.17 -13.88 13.02
N ALA A 80 0.70 -12.78 13.61
CA ALA A 80 1.62 -11.69 13.95
C ALA A 80 2.67 -12.12 14.95
N SER A 81 2.33 -13.06 15.84
CA SER A 81 3.27 -13.58 16.81
CA SER A 81 3.30 -13.56 16.80
C SER A 81 4.16 -14.68 16.25
N LYS A 82 3.90 -15.14 15.03
CA LYS A 82 4.73 -16.15 14.39
CA LYS A 82 4.72 -16.15 14.38
C LYS A 82 5.71 -15.53 13.40
N LEU A 83 5.19 -14.85 12.39
CA LEU A 83 5.99 -14.31 11.31
C LEU A 83 5.12 -13.37 10.50
N ALA A 84 5.55 -12.13 10.30
CA ALA A 84 4.75 -11.16 9.58
C ALA A 84 5.32 -10.78 8.22
N LEU A 85 6.64 -10.85 8.03
CA LEU A 85 7.22 -10.37 6.77
C LEU A 85 8.56 -11.03 6.51
N THR A 86 8.71 -11.65 5.33
CA THR A 86 10.01 -12.13 4.88
C THR A 86 10.52 -11.40 3.65
N SER A 87 9.63 -10.77 2.88
CA SER A 87 9.81 -10.32 1.50
C SER A 87 9.78 -11.52 0.57
N ARG A 88 9.78 -11.26 -0.73
CA ARG A 88 9.70 -12.34 -1.72
C ARG A 88 11.07 -12.91 -2.06
N ALA A 89 12.12 -12.50 -1.34
CA ALA A 89 13.41 -13.14 -1.49
C ALA A 89 13.39 -14.58 -1.00
N PHE A 90 12.43 -14.91 -0.14
CA PHE A 90 12.27 -16.21 0.45
C PHE A 90 10.80 -16.60 0.30
N TYR A 91 10.51 -17.88 0.47
CA TYR A 91 9.12 -18.31 0.56
C TYR A 91 8.64 -18.20 2.00
N ASN A 92 7.33 -17.97 2.17
CA ASN A 92 6.70 -18.10 3.47
C ASN A 92 5.62 -19.17 3.36
N SER A 93 5.29 -19.80 4.49
CA SER A 93 4.43 -20.98 4.46
C SER A 93 2.96 -20.65 4.31
N LYS A 94 2.57 -19.38 4.42
CA LYS A 94 1.15 -19.05 4.32
C LYS A 94 0.73 -18.69 2.91
N LEU A 95 1.63 -18.15 2.09
CA LEU A 95 1.21 -17.62 0.78
C LEU A 95 0.66 -18.71 -0.11
N GLY A 96 1.33 -19.87 -0.17
CA GLY A 96 0.82 -20.95 -1.01
C GLY A 96 -0.58 -21.39 -0.62
N GLU A 97 -0.82 -21.56 0.69
CA GLU A 97 -2.14 -21.94 1.18
C GLU A 97 -3.20 -20.94 0.75
N TYR A 98 -2.91 -19.64 0.92
CA TYR A 98 -3.84 -18.60 0.51
C TYR A 98 -4.07 -18.61 -1.00
N GLU A 99 -2.99 -18.75 -1.77
CA GLU A 99 -3.12 -18.73 -3.23
C GLU A 99 -4.02 -19.87 -3.69
N GLN A 100 -3.79 -21.08 -3.16
CA GLN A 100 -4.68 -22.19 -3.48
C GLN A 100 -6.12 -21.89 -3.10
N LYS A 101 -6.31 -21.33 -1.90
CA LYS A 101 -7.67 -21.06 -1.42
C LYS A 101 -8.40 -20.10 -2.35
N ILE A 102 -7.80 -18.94 -2.65
CA ILE A 102 -8.55 -17.91 -3.35
C ILE A 102 -8.72 -18.26 -4.84
N THR A 103 -7.74 -18.93 -5.46
CA THR A 103 -7.89 -19.32 -6.85
C THR A 103 -8.98 -20.38 -7.01
N SER A 104 -9.04 -21.34 -6.07
CA SER A 104 -10.09 -22.35 -6.11
CA SER A 104 -10.08 -22.35 -6.10
C SER A 104 -11.45 -21.71 -5.89
N LEU A 105 -11.53 -20.79 -4.92
CA LEU A 105 -12.80 -20.18 -4.58
C LEU A 105 -13.41 -19.42 -5.75
N LEU A 106 -12.59 -18.73 -6.53
CA LEU A 106 -13.08 -17.86 -7.59
C LEU A 106 -12.91 -18.43 -8.99
N GLY A 107 -12.27 -19.59 -9.13
CA GLY A 107 -12.19 -20.24 -10.43
C GLY A 107 -11.15 -19.68 -11.37
N PHE A 108 -9.97 -19.35 -10.87
CA PHE A 108 -8.85 -18.90 -11.69
C PHE A 108 -7.65 -19.79 -11.39
N ASP A 109 -6.71 -19.83 -12.34
CA ASP A 109 -5.49 -20.61 -12.14
C ASP A 109 -4.59 -19.96 -11.11
N LYS A 110 -4.43 -18.64 -11.16
CA LYS A 110 -3.36 -18.00 -10.40
C LYS A 110 -3.81 -16.67 -9.81
N VAL A 111 -3.11 -16.26 -8.76
CA VAL A 111 -3.31 -14.96 -8.13
C VAL A 111 -1.95 -14.31 -7.98
N LEU A 112 -1.94 -12.98 -8.07
CA LEU A 112 -0.74 -12.19 -7.83
C LEU A 112 -1.09 -11.28 -6.68
N PRO A 113 -0.47 -11.44 -5.51
CA PRO A 113 -0.89 -10.69 -4.33
C PRO A 113 -0.18 -9.35 -4.22
N MET A 114 -0.96 -8.32 -3.85
CA MET A 114 -0.44 -6.99 -3.58
C MET A 114 -1.04 -6.43 -2.29
N ASN A 115 -0.82 -5.14 -2.03
CA ASN A 115 -1.24 -4.53 -0.77
C ASN A 115 -2.42 -3.58 -0.97
N SER A 116 -2.26 -2.58 -1.81
CA SER A 116 -3.29 -1.57 -1.96
C SER A 116 -4.15 -1.82 -3.18
N GLY A 117 -5.32 -1.17 -3.19
CA GLY A 117 -6.17 -1.26 -4.37
C GLY A 117 -5.49 -0.68 -5.60
N ALA A 118 -4.81 0.45 -5.44
CA ALA A 118 -4.14 1.06 -6.58
C ALA A 118 -3.06 0.15 -7.15
N GLU A 119 -2.30 -0.52 -6.28
CA GLU A 119 -1.30 -1.47 -6.74
C GLU A 119 -1.91 -2.57 -7.57
N ALA A 120 -3.07 -3.07 -7.14
CA ALA A 120 -3.69 -4.16 -7.87
C ALA A 120 -4.21 -3.70 -9.23
N VAL A 121 -4.79 -2.50 -9.30
CA VAL A 121 -5.24 -1.98 -10.58
C VAL A 121 -4.06 -1.73 -11.51
N GLU A 122 -3.00 -1.11 -10.99
CA GLU A 122 -1.77 -0.92 -11.76
C GLU A 122 -1.23 -2.24 -12.27
N THR A 123 -1.22 -3.26 -11.39
CA THR A 123 -0.65 -4.54 -11.78
C THR A 123 -1.51 -5.22 -12.83
N ALA A 124 -2.83 -5.09 -12.72
CA ALA A 124 -3.72 -5.68 -13.71
C ALA A 124 -3.47 -5.09 -15.08
N VAL A 125 -3.28 -3.77 -15.13
CA VAL A 125 -3.04 -3.12 -16.42
C VAL A 125 -1.69 -3.51 -16.99
N LYS A 126 -0.64 -3.52 -16.16
CA LYS A 126 0.67 -3.98 -16.63
C LYS A 126 0.60 -5.40 -17.17
N LEU A 127 -0.13 -6.28 -16.46
CA LEU A 127 -0.27 -7.66 -16.92
C LEU A 127 -0.98 -7.71 -18.27
N ALA A 128 -2.03 -6.91 -18.43
CA ALA A 128 -2.76 -6.91 -19.70
C ALA A 128 -1.89 -6.40 -20.85
N ARG A 129 -1.10 -5.35 -20.60
CA ARG A 129 -0.19 -4.85 -21.63
CA ARG A 129 -0.22 -4.87 -21.65
C ARG A 129 0.83 -5.92 -22.01
N LYS A 130 1.39 -6.60 -21.01
CA LYS A 130 2.38 -7.64 -21.31
C LYS A 130 1.76 -8.78 -22.09
N TRP A 131 0.55 -9.22 -21.71
CA TRP A 131 -0.16 -10.21 -22.49
C TRP A 131 -0.35 -9.75 -23.93
N SER A 132 -0.74 -8.48 -24.11
CA SER A 132 -0.99 -7.96 -25.45
C SER A 132 0.27 -7.91 -26.28
N TYR A 133 1.43 -7.86 -25.64
CA TYR A 133 2.69 -7.95 -26.38
C TYR A 133 3.08 -9.39 -26.67
N GLU A 134 3.05 -10.24 -25.64
CA GLU A 134 3.61 -11.59 -25.76
C GLU A 134 2.70 -12.50 -26.58
N VAL A 135 1.39 -12.36 -26.40
CA VAL A 135 0.41 -13.24 -27.02
C VAL A 135 -0.27 -12.56 -28.20
N LYS A 136 -0.77 -11.34 -28.00
CA LYS A 136 -1.55 -10.68 -29.05
C LYS A 136 -0.67 -10.05 -30.12
N GLY A 137 0.51 -9.56 -29.77
CA GLY A 137 1.45 -9.06 -30.75
C GLY A 137 1.48 -7.56 -30.95
N ILE A 138 0.92 -6.78 -30.03
CA ILE A 138 1.01 -5.33 -30.09
C ILE A 138 2.42 -4.89 -29.68
N ALA A 139 2.91 -3.82 -30.30
CA ALA A 139 4.22 -3.28 -29.95
C ALA A 139 4.28 -2.88 -28.49
N GLU A 140 5.50 -2.93 -27.92
CA GLU A 140 5.71 -2.88 -26.47
C GLU A 140 5.35 -1.54 -25.85
N ASN A 141 5.05 -0.51 -26.64
CA ASN A 141 4.59 0.76 -26.10
C ASN A 141 3.29 1.20 -26.74
N ALA A 142 2.62 0.32 -27.50
CA ALA A 142 1.52 0.72 -28.36
C ALA A 142 0.16 0.23 -27.91
N ALA A 143 0.08 -0.59 -26.86
CA ALA A 143 -1.21 -1.13 -26.41
C ALA A 143 -1.98 -0.08 -25.63
N LYS A 144 -3.30 -0.08 -25.80
CA LYS A 144 -4.17 0.85 -25.11
C LYS A 144 -5.12 0.10 -24.16
N ILE A 145 -5.54 0.81 -23.12
CA ILE A 145 -6.51 0.31 -22.14
C ILE A 145 -7.74 1.19 -22.24
N ILE A 146 -8.91 0.58 -22.45
CA ILE A 146 -10.17 1.31 -22.38
C ILE A 146 -10.58 1.43 -20.92
N VAL A 147 -10.94 2.63 -20.50
CA VAL A 147 -11.40 2.91 -19.15
C VAL A 147 -12.66 3.77 -19.22
N CYS A 148 -13.42 3.79 -18.12
CA CYS A 148 -14.61 4.62 -18.01
C CYS A 148 -14.47 5.73 -16.99
N GLU A 149 -13.35 5.79 -16.27
CA GLU A 149 -13.11 6.78 -15.23
C GLU A 149 -11.60 6.94 -15.11
N ASN A 150 -11.17 7.81 -14.19
CA ASN A 150 -9.75 8.10 -14.00
C ASN A 150 -9.17 7.12 -12.98
N ASN A 151 -9.13 5.84 -13.39
CA ASN A 151 -8.64 4.79 -12.50
C ASN A 151 -7.20 5.04 -12.03
N PHE A 152 -6.41 5.81 -12.78
CA PHE A 152 -5.01 6.02 -12.47
C PHE A 152 -4.69 7.48 -12.13
N HIS A 153 -5.66 8.17 -11.51
CA HIS A 153 -5.46 9.53 -11.06
C HIS A 153 -4.15 9.67 -10.29
N GLY A 154 -3.37 10.71 -10.63
CA GLY A 154 -2.13 11.01 -9.95
C GLY A 154 -0.90 10.33 -10.49
N ARG A 155 -1.05 9.34 -11.37
CA ARG A 155 0.07 8.56 -11.88
C ARG A 155 0.18 8.60 -13.39
N THR A 156 -0.39 9.61 -14.05
CA THR A 156 -0.34 9.72 -15.50
C THR A 156 0.15 11.10 -15.90
N THR A 157 0.68 11.18 -17.11
CA THR A 157 0.99 12.45 -17.75
C THR A 157 -0.16 12.79 -18.69
N THR A 158 -0.79 13.94 -18.47
CA THR A 158 -1.83 14.43 -19.34
C THR A 158 -1.44 15.70 -20.08
N ILE A 159 -0.67 16.58 -19.43
CA ILE A 159 -0.26 17.85 -20.02
C ILE A 159 1.27 17.94 -20.10
N PHE A 162 1.54 15.97 -15.72
CA PHE A 162 2.79 15.38 -15.22
C PHE A 162 2.51 14.27 -14.21
N SER A 163 3.19 13.14 -14.39
CA SER A 163 3.10 12.02 -13.46
C SER A 163 3.97 12.27 -12.23
N ASN A 164 3.56 11.71 -11.10
CA ASN A 164 4.30 11.85 -9.86
C ASN A 164 5.27 10.70 -9.59
N ASP A 165 5.23 9.64 -10.39
CA ASP A 165 6.11 8.49 -10.20
C ASP A 165 7.41 8.71 -10.97
N PRO A 166 8.55 8.90 -10.30
CA PRO A 166 9.80 9.12 -11.04
C PRO A 166 10.34 7.88 -11.73
N ASP A 167 10.00 6.69 -11.24
CA ASP A 167 10.44 5.46 -11.88
C ASP A 167 9.34 4.84 -12.74
N GLY A 173 -9.47 17.79 -26.80
CA GLY A 173 -9.65 17.45 -25.41
C GLY A 173 -8.43 16.77 -24.79
N PRO A 174 -8.31 16.84 -23.47
CA PRO A 174 -7.19 16.18 -22.80
C PRO A 174 -7.26 14.67 -22.94
N PHE A 175 -6.13 14.06 -23.26
CA PHE A 175 -6.03 12.62 -23.44
C PHE A 175 -4.86 12.08 -22.63
N THR A 176 -5.03 10.90 -22.05
CA THR A 176 -3.96 10.23 -21.33
C THR A 176 -3.33 9.20 -22.24
N PRO A 177 -2.07 9.38 -22.67
CA PRO A 177 -1.42 8.37 -23.50
C PRO A 177 -1.50 6.98 -22.87
N GLY A 178 -1.82 5.98 -23.71
CA GLY A 178 -2.00 4.64 -23.25
C GLY A 178 -3.42 4.26 -22.91
N PHE A 179 -4.33 5.22 -22.87
CA PHE A 179 -5.71 4.98 -22.44
C PHE A 179 -6.70 5.59 -23.41
N ILE A 180 -7.85 4.95 -23.51
CA ILE A 180 -9.01 5.48 -24.21
C ILE A 180 -10.13 5.57 -23.19
N ARG A 181 -10.60 6.78 -22.92
CA ARG A 181 -11.67 7.00 -21.95
C ARG A 181 -12.99 7.11 -22.67
N ILE A 182 -13.95 6.28 -22.28
CA ILE A 182 -15.31 6.31 -22.82
C ILE A 182 -16.26 6.53 -21.65
N PRO A 183 -17.49 6.93 -21.91
CA PRO A 183 -18.46 7.02 -20.82
C PRO A 183 -18.74 5.66 -20.20
N TYR A 184 -19.02 5.68 -18.90
CA TYR A 184 -19.51 4.49 -18.23
C TYR A 184 -20.90 4.13 -18.75
N ASN A 185 -21.24 2.84 -18.66
CA ASN A 185 -22.60 2.37 -18.97
C ASN A 185 -22.99 2.74 -20.41
N ASP A 186 -22.06 2.56 -21.35
CA ASP A 186 -22.28 3.01 -22.74
C ASP A 186 -21.73 1.93 -23.67
N ILE A 187 -22.59 0.96 -24.01
CA ILE A 187 -22.18 -0.14 -24.87
C ILE A 187 -21.84 0.37 -26.26
N ALA A 188 -22.61 1.33 -26.78
CA ALA A 188 -22.33 1.85 -28.11
C ALA A 188 -20.94 2.44 -28.20
N ALA A 189 -20.51 3.16 -27.15
CA ALA A 189 -19.19 3.77 -27.18
C ALA A 189 -18.10 2.70 -27.15
N LEU A 190 -18.31 1.64 -26.37
CA LEU A 190 -17.36 0.53 -26.32
C LEU A 190 -17.28 -0.19 -27.67
N GLU A 191 -18.44 -0.50 -28.26
CA GLU A 191 -18.44 -1.16 -29.55
C GLU A 191 -17.79 -0.30 -30.62
N GLU A 192 -17.96 1.03 -30.53
CA GLU A 192 -17.36 1.92 -31.50
C GLU A 192 -15.83 1.87 -31.44
N VAL A 193 -15.27 1.88 -30.22
CA VAL A 193 -13.83 1.80 -30.07
C VAL A 193 -13.32 0.44 -30.55
N LEU A 194 -13.98 -0.64 -30.13
CA LEU A 194 -13.54 -1.98 -30.51
C LEU A 194 -13.62 -2.20 -32.01
N SER A 195 -14.72 -1.76 -32.63
CA SER A 195 -14.85 -1.99 -34.07
C SER A 195 -13.77 -1.26 -34.86
N LYS A 196 -13.30 -0.12 -34.34
CA LYS A 196 -12.35 0.69 -35.09
C LYS A 196 -10.89 0.35 -34.83
N GLU A 197 -10.52 -0.06 -33.62
CA GLU A 197 -9.10 -0.20 -33.32
C GLU A 197 -8.85 -1.26 -32.25
N ALA A 198 -9.66 -2.33 -32.24
CA ALA A 198 -9.43 -3.40 -31.28
C ALA A 198 -8.02 -3.96 -31.37
N GLY A 199 -7.41 -3.89 -32.55
CA GLY A 199 -6.04 -4.37 -32.73
C GLY A 199 -5.03 -3.66 -31.85
N ASN A 200 -5.33 -2.42 -31.44
CA ASN A 200 -4.44 -1.65 -30.57
C ASN A 200 -4.74 -1.82 -29.09
N ILE A 201 -5.80 -2.53 -28.73
CA ILE A 201 -6.36 -2.51 -27.38
CA ILE A 201 -6.34 -2.50 -27.38
C ILE A 201 -5.96 -3.77 -26.65
N ALA A 202 -5.38 -3.62 -25.45
CA ALA A 202 -5.05 -4.76 -24.62
C ALA A 202 -6.23 -5.21 -23.78
N ALA A 203 -7.01 -4.26 -23.26
CA ALA A 203 -8.02 -4.59 -22.27
C ALA A 203 -9.03 -3.47 -22.14
N PHE A 204 -10.20 -3.83 -21.60
CA PHE A 204 -11.21 -2.94 -21.08
C PHE A 204 -11.21 -3.12 -19.57
N LEU A 205 -10.94 -2.04 -18.83
CA LEU A 205 -10.89 -2.07 -17.37
C LEU A 205 -12.13 -1.36 -16.85
N VAL A 206 -12.99 -2.07 -16.13
CA VAL A 206 -14.28 -1.51 -15.75
C VAL A 206 -14.70 -2.01 -14.37
N GLU A 207 -15.33 -1.13 -13.58
CA GLU A 207 -15.96 -1.53 -12.32
C GLU A 207 -17.40 -1.96 -12.58
N PRO A 208 -17.86 -3.05 -11.96
CA PRO A 208 -19.27 -3.47 -12.17
C PRO A 208 -20.26 -2.45 -11.64
N ILE A 209 -19.85 -1.63 -10.67
CA ILE A 209 -20.58 -0.47 -10.16
C ILE A 209 -19.53 0.59 -9.90
N GLN A 210 -19.72 1.81 -10.42
CA GLN A 210 -18.74 2.85 -10.15
C GLN A 210 -19.04 3.51 -8.82
N GLY A 211 -18.05 3.56 -7.93
CA GLY A 211 -18.27 4.07 -6.60
C GLY A 211 -17.55 5.37 -6.27
N GLU A 212 -16.84 5.92 -7.26
CA GLU A 212 -15.98 7.08 -7.00
C GLU A 212 -16.81 8.33 -6.72
N ALA A 213 -17.83 8.58 -7.54
CA ALA A 213 -18.65 9.78 -7.43
C ALA A 213 -20.02 9.48 -6.83
N GLY A 214 -20.13 8.41 -6.06
CA GLY A 214 -21.39 7.95 -5.52
C GLY A 214 -21.58 6.46 -5.73
N VAL A 215 -22.73 6.06 -6.25
CA VAL A 215 -22.95 4.67 -6.65
C VAL A 215 -23.64 4.70 -8.01
N TYR A 216 -22.90 4.37 -9.06
CA TYR A 216 -23.44 4.37 -10.43
C TYR A 216 -23.60 2.91 -10.84
N VAL A 217 -24.85 2.42 -10.77
CA VAL A 217 -25.18 1.07 -11.21
C VAL A 217 -25.45 1.12 -12.71
N PRO A 218 -24.76 0.33 -13.53
CA PRO A 218 -25.01 0.36 -14.97
C PRO A 218 -26.31 -0.39 -15.32
N ASN A 219 -26.74 -0.20 -16.57
CA ASN A 219 -27.93 -0.90 -17.04
C ASN A 219 -27.75 -2.41 -16.90
N GLU A 220 -28.86 -3.09 -16.64
CA GLU A 220 -28.87 -4.55 -16.68
C GLU A 220 -28.33 -5.04 -18.00
N GLY A 221 -27.38 -5.97 -17.95
CA GLY A 221 -26.79 -6.54 -19.14
C GLY A 221 -25.52 -5.86 -19.62
N PHE A 222 -25.17 -4.71 -19.05
CA PHE A 222 -24.00 -3.97 -19.50
C PHE A 222 -22.73 -4.77 -19.33
N LEU A 223 -22.54 -5.39 -18.16
CA LEU A 223 -21.28 -6.08 -17.91
C LEU A 223 -21.16 -7.28 -18.82
N LYS A 224 -22.25 -8.03 -19.00
CA LYS A 224 -22.18 -9.22 -19.83
C LYS A 224 -21.94 -8.85 -21.29
N GLN A 225 -22.65 -7.83 -21.80
CA GLN A 225 -22.41 -7.42 -23.18
C GLN A 225 -20.98 -6.91 -23.37
N SER A 226 -20.47 -6.13 -22.41
CA SER A 226 -19.09 -5.67 -22.48
C SER A 226 -18.11 -6.84 -22.54
N SER A 227 -18.32 -7.82 -21.66
CA SER A 227 -17.44 -8.99 -21.61
CA SER A 227 -17.42 -8.97 -21.63
C SER A 227 -17.47 -9.75 -22.93
N GLU A 228 -18.67 -9.91 -23.52
CA GLU A 228 -18.79 -10.64 -24.77
C GLU A 228 -18.15 -9.87 -25.92
N LEU A 229 -18.31 -8.55 -25.94
CA LEU A 229 -17.70 -7.76 -27.01
C LEU A 229 -16.17 -7.84 -26.93
N CYS A 230 -15.63 -7.84 -25.71
CA CYS A 230 -14.18 -7.93 -25.55
C CYS A 230 -13.66 -9.26 -26.07
N LYS A 231 -14.33 -10.36 -25.71
CA LYS A 231 -13.90 -11.66 -26.22
C LYS A 231 -13.96 -11.70 -27.74
N LYS A 232 -15.06 -11.18 -28.32
CA LYS A 232 -15.19 -11.22 -29.78
C LYS A 232 -14.04 -10.51 -30.47
N HIS A 233 -13.50 -9.46 -29.85
CA HIS A 233 -12.48 -8.61 -30.44
C HIS A 233 -11.08 -8.88 -29.88
N ASN A 234 -10.91 -9.97 -29.13
CA ASN A 234 -9.60 -10.39 -28.64
C ASN A 234 -8.99 -9.32 -27.75
N VAL A 235 -9.81 -8.82 -26.82
CA VAL A 235 -9.43 -7.81 -25.83
C VAL A 235 -9.74 -8.38 -24.45
N LEU A 236 -8.81 -8.22 -23.51
CA LEU A 236 -9.07 -8.74 -22.17
C LEU A 236 -10.16 -7.93 -21.48
N PHE A 237 -11.00 -8.63 -20.73
CA PHE A 237 -12.00 -7.98 -19.88
C PHE A 237 -11.49 -8.00 -18.45
N ILE A 238 -11.24 -6.82 -17.88
CA ILE A 238 -10.70 -6.70 -16.53
C ILE A 238 -11.79 -6.15 -15.63
N ALA A 239 -12.25 -6.95 -14.67
CA ALA A 239 -13.26 -6.50 -13.72
C ALA A 239 -12.56 -5.94 -12.50
N ASP A 240 -12.70 -4.63 -12.28
CA ASP A 240 -12.15 -3.97 -11.10
C ASP A 240 -13.19 -4.10 -10.00
N GLU A 241 -12.99 -5.06 -9.10
CA GLU A 241 -13.92 -5.32 -7.99
C GLU A 241 -13.29 -4.98 -6.64
N VAL A 242 -12.39 -4.01 -6.63
CA VAL A 242 -11.81 -3.57 -5.36
C VAL A 242 -12.91 -3.13 -4.40
N GLN A 243 -13.93 -2.42 -4.90
CA GLN A 243 -15.04 -1.99 -4.05
C GLN A 243 -16.24 -2.93 -4.10
N THR A 244 -16.55 -3.50 -5.25
CA THR A 244 -17.75 -4.33 -5.38
C THR A 244 -17.55 -5.77 -4.90
N GLY A 245 -16.31 -6.23 -4.74
CA GLY A 245 -16.07 -7.63 -4.48
C GLY A 245 -16.32 -8.00 -3.03
N ILE A 246 -16.28 -9.31 -2.78
CA ILE A 246 -16.35 -9.91 -1.45
C ILE A 246 -17.71 -9.63 -0.83
N ALA A 247 -18.77 -10.11 -1.49
CA ALA A 247 -20.14 -10.25 -1.01
C ALA A 247 -20.93 -8.93 -0.94
N ARG A 248 -20.30 -7.76 -1.05
CA ARG A 248 -20.99 -6.48 -0.83
C ARG A 248 -22.24 -6.32 -1.70
N THR A 249 -22.18 -6.75 -2.96
CA THR A 249 -23.33 -6.54 -3.86
C THR A 249 -24.31 -7.69 -3.88
N GLY A 250 -24.13 -8.69 -3.01
CA GLY A 250 -25.04 -9.83 -2.95
C GLY A 250 -24.54 -11.08 -3.65
N LYS A 251 -23.34 -11.04 -4.21
CA LYS A 251 -22.66 -12.21 -4.77
C LYS A 251 -21.21 -12.12 -4.35
N LEU A 252 -20.49 -13.25 -4.42
CA LEU A 252 -19.09 -13.20 -3.98
C LEU A 252 -18.31 -12.12 -4.73
N ILE A 253 -18.52 -12.03 -6.04
CA ILE A 253 -18.09 -10.87 -6.81
C ILE A 253 -19.28 -10.42 -7.65
N ALA A 254 -19.32 -9.12 -7.95
CA ALA A 254 -20.47 -8.58 -8.68
C ALA A 254 -20.61 -9.17 -10.07
N CYS A 255 -19.49 -9.62 -10.67
CA CYS A 255 -19.56 -10.29 -11.97
C CYS A 255 -20.54 -11.44 -11.97
N HIS A 256 -20.67 -12.12 -10.83
CA HIS A 256 -21.55 -13.29 -10.77
C HIS A 256 -23.01 -12.91 -10.99
N HIS A 257 -23.42 -11.69 -10.65
CA HIS A 257 -24.78 -11.26 -10.97
C HIS A 257 -25.06 -11.34 -12.46
N GLU A 258 -24.03 -11.11 -13.29
CA GLU A 258 -24.18 -10.94 -14.73
C GLU A 258 -23.71 -12.16 -15.52
N ASP A 259 -23.38 -13.26 -14.83
CA ASP A 259 -22.86 -14.46 -15.48
C ASP A 259 -21.59 -14.15 -16.26
N VAL A 260 -20.74 -13.28 -15.69
CA VAL A 260 -19.46 -12.92 -16.28
C VAL A 260 -18.34 -13.57 -15.48
N GLN A 261 -17.43 -14.25 -16.18
CA GLN A 261 -16.13 -14.56 -15.59
C GLN A 261 -15.11 -13.69 -16.30
N PRO A 262 -14.50 -12.72 -15.62
CA PRO A 262 -13.58 -11.81 -16.31
C PRO A 262 -12.26 -12.51 -16.62
N ASP A 263 -11.54 -11.97 -17.59
CA ASP A 263 -10.21 -12.47 -17.89
C ASP A 263 -9.23 -12.17 -16.76
N ILE A 264 -9.36 -10.99 -16.17
CA ILE A 264 -8.56 -10.58 -15.02
C ILE A 264 -9.51 -10.01 -13.98
N LEU A 265 -9.38 -10.46 -12.75
CA LEU A 265 -10.20 -9.99 -11.63
C LEU A 265 -9.31 -9.24 -10.66
N ILE A 266 -9.76 -8.05 -10.24
CA ILE A 266 -9.04 -7.23 -9.27
C ILE A 266 -9.84 -7.18 -7.98
N LEU A 267 -9.20 -7.57 -6.87
CA LEU A 267 -9.83 -7.51 -5.56
C LEU A 267 -9.02 -6.64 -4.61
N GLY A 268 -9.70 -6.14 -3.59
CA GLY A 268 -9.02 -5.37 -2.56
C GLY A 268 -9.92 -5.20 -1.36
N LYS A 269 -9.73 -4.08 -0.66
CA LYS A 269 -10.53 -3.65 0.49
CA LYS A 269 -10.56 -3.66 0.48
C LYS A 269 -11.01 -4.81 1.37
N ALA A 270 -12.24 -5.28 1.18
CA ALA A 270 -12.80 -6.28 2.10
C ALA A 270 -12.14 -7.66 2.00
N LEU A 271 -11.25 -7.87 1.03
CA LEU A 271 -10.43 -9.07 1.02
C LEU A 271 -9.75 -9.32 2.38
N SER A 272 -9.52 -8.28 3.16
CA SER A 272 -8.93 -8.38 4.49
C SER A 272 -9.90 -7.99 5.61
N GLY A 273 -11.15 -7.68 5.29
CA GLY A 273 -12.01 -7.11 6.30
C GLY A 273 -11.59 -5.74 6.78
N GLY A 274 -10.64 -5.09 6.11
CA GLY A 274 -10.09 -3.85 6.61
C GLY A 274 -9.02 -4.00 7.66
N MET A 275 -8.61 -5.23 7.99
CA MET A 275 -7.63 -5.43 9.05
C MET A 275 -6.19 -5.24 8.58
N TYR A 276 -5.97 -5.22 7.28
CA TYR A 276 -4.62 -5.19 6.74
C TYR A 276 -4.75 -4.85 5.27
N PRO A 277 -3.88 -4.03 4.68
CA PRO A 277 -4.04 -3.75 3.25
C PRO A 277 -3.68 -4.96 2.41
N VAL A 278 -4.69 -5.63 1.84
CA VAL A 278 -4.50 -6.82 0.99
C VAL A 278 -5.28 -6.62 -0.30
N SER A 279 -4.63 -6.86 -1.43
CA SER A 279 -5.29 -6.77 -2.72
C SER A 279 -4.78 -7.92 -3.58
N ALA A 280 -5.43 -8.13 -4.73
CA ALA A 280 -5.08 -9.32 -5.50
C ALA A 280 -5.47 -9.13 -6.97
N VAL A 281 -4.71 -9.78 -7.85
CA VAL A 281 -5.03 -9.86 -9.26
C VAL A 281 -5.11 -11.33 -9.63
N LEU A 282 -6.26 -11.78 -10.15
CA LEU A 282 -6.43 -13.17 -10.53
C LEU A 282 -6.58 -13.30 -12.04
N ALA A 283 -6.00 -14.37 -12.60
CA ALA A 283 -6.09 -14.62 -14.03
C ALA A 283 -5.69 -16.06 -14.27
N ASN A 284 -6.15 -16.61 -15.40
CA ASN A 284 -5.76 -17.96 -15.76
C ASN A 284 -4.35 -17.96 -16.33
N ASN A 285 -3.81 -19.18 -16.49
CA ASN A 285 -2.41 -19.34 -16.88
C ASN A 285 -2.11 -18.68 -18.22
N ASN A 286 -3.06 -18.71 -19.17
CA ASN A 286 -2.77 -18.16 -20.50
C ASN A 286 -2.48 -16.67 -20.43
N ILE A 287 -2.88 -16.01 -19.35
CA ILE A 287 -2.58 -14.61 -19.11
C ILE A 287 -1.44 -14.44 -18.12
N MET A 288 -1.56 -15.08 -16.96
CA MET A 288 -0.60 -14.87 -15.87
C MET A 288 0.79 -15.38 -16.22
N ASP A 289 0.90 -16.38 -17.10
CA ASP A 289 2.22 -16.94 -17.32
C ASP A 289 3.09 -16.08 -18.25
N VAL A 290 2.61 -14.91 -18.69
CA VAL A 290 3.51 -13.95 -19.30
C VAL A 290 4.37 -13.27 -18.26
N ILE A 291 3.99 -13.36 -16.98
CA ILE A 291 4.76 -12.79 -15.88
C ILE A 291 5.94 -13.69 -15.59
N LYS A 292 7.15 -13.12 -15.58
CA LYS A 292 8.38 -13.83 -15.28
C LYS A 292 9.14 -13.10 -14.18
N PRO A 293 10.03 -13.78 -13.47
CA PRO A 293 10.80 -13.12 -12.41
C PRO A 293 11.72 -12.05 -12.98
N GLY A 294 12.02 -11.06 -12.15
CA GLY A 294 13.02 -10.07 -12.54
C GLY A 294 12.72 -8.62 -12.24
N GLN A 295 11.56 -8.13 -12.69
CA GLN A 295 11.25 -6.71 -12.54
C GLN A 295 11.12 -6.31 -11.07
N HIS A 296 11.19 -5.01 -10.83
CA HIS A 296 11.11 -4.48 -9.47
C HIS A 296 9.72 -4.71 -8.90
N GLY A 297 9.65 -5.37 -7.74
CA GLY A 297 8.36 -5.78 -7.19
C GLY A 297 8.02 -5.20 -5.83
N SER A 298 7.15 -5.89 -5.11
CA SER A 298 6.63 -5.41 -3.82
C SER A 298 7.22 -6.21 -2.68
N THR A 299 7.74 -5.51 -1.67
CA THR A 299 8.29 -6.17 -0.49
C THR A 299 7.19 -6.82 0.35
N PHE A 300 6.08 -6.11 0.55
CA PHE A 300 5.03 -6.60 1.45
C PHE A 300 4.01 -7.49 0.76
N GLY A 301 3.89 -7.46 -0.56
CA GLY A 301 2.84 -8.22 -1.22
C GLY A 301 2.96 -9.70 -0.96
N GLY A 302 1.87 -10.34 -0.51
CA GLY A 302 1.91 -11.76 -0.25
C GLY A 302 2.54 -12.17 1.06
N ASN A 303 2.75 -11.24 1.98
CA ASN A 303 3.40 -11.58 3.24
C ASN A 303 2.47 -12.47 4.07
N PRO A 304 3.02 -13.23 5.03
CA PRO A 304 2.18 -14.24 5.70
C PRO A 304 1.09 -13.65 6.56
N LEU A 305 1.30 -12.46 7.13
CA LEU A 305 0.26 -11.83 7.94
C LEU A 305 -0.92 -11.44 7.06
N ALA A 306 -0.64 -10.78 5.94
CA ALA A 306 -1.69 -10.48 4.97
C ALA A 306 -2.47 -11.73 4.58
N CYS A 307 -1.75 -12.82 4.30
CA CYS A 307 -2.42 -14.03 3.84
C CYS A 307 -3.28 -14.66 4.94
N ALA A 308 -2.78 -14.68 6.18
CA ALA A 308 -3.57 -15.24 7.27
C ALA A 308 -4.84 -14.45 7.46
N VAL A 309 -4.74 -13.12 7.39
CA VAL A 309 -5.92 -12.26 7.53
C VAL A 309 -6.88 -12.50 6.39
N ALA A 310 -6.38 -12.53 5.15
CA ALA A 310 -7.30 -12.66 4.01
C ALA A 310 -8.00 -14.01 4.02
N MET A 311 -7.30 -15.09 4.41
CA MET A 311 -7.96 -16.38 4.47
C MET A 311 -9.09 -16.37 5.49
N ALA A 312 -8.87 -15.76 6.65
CA ALA A 312 -9.93 -15.65 7.65
C ALA A 312 -11.07 -14.77 7.15
N ALA A 313 -10.74 -13.69 6.45
CA ALA A 313 -11.77 -12.77 5.98
C ALA A 313 -12.65 -13.43 4.92
N LEU A 314 -12.06 -14.25 4.05
CA LEU A 314 -12.83 -15.01 3.07
C LEU A 314 -13.70 -16.06 3.76
N ASP A 315 -13.15 -16.74 4.77
CA ASP A 315 -13.93 -17.74 5.49
C ASP A 315 -15.16 -17.13 6.16
N VAL A 316 -15.03 -15.92 6.73
CA VAL A 316 -16.20 -15.28 7.32
C VAL A 316 -17.28 -15.10 6.28
N VAL A 317 -16.90 -14.61 5.10
CA VAL A 317 -17.88 -14.33 4.05
C VAL A 317 -18.62 -15.61 3.65
N GLN A 318 -17.89 -16.71 3.50
CA GLN A 318 -18.54 -17.95 3.09
C GLN A 318 -19.31 -18.59 4.24
N ASP A 319 -18.69 -18.67 5.42
CA ASP A 319 -19.29 -19.38 6.55
C ASP A 319 -20.57 -18.69 7.02
N GLU A 320 -20.58 -17.37 7.00
CA GLU A 320 -21.73 -16.60 7.46
C GLU A 320 -22.69 -16.25 6.32
N LYS A 321 -22.44 -16.76 5.11
CA LYS A 321 -23.32 -16.54 3.97
C LYS A 321 -23.61 -15.05 3.78
N LEU A 322 -22.54 -14.26 3.76
CA LEU A 322 -22.73 -12.82 3.71
C LEU A 322 -23.21 -12.34 2.34
N SER A 323 -22.93 -13.08 1.26
CA SER A 323 -23.50 -12.71 -0.03
C SER A 323 -25.03 -12.76 0.01
N GLU A 324 -25.57 -13.88 0.49
CA GLU A 324 -27.03 -14.00 0.60
C GLU A 324 -27.60 -12.96 1.54
N ARG A 325 -26.91 -12.68 2.66
CA ARG A 325 -27.39 -11.65 3.58
C ARG A 325 -27.42 -10.28 2.93
N ALA A 326 -26.35 -9.92 2.21
CA ALA A 326 -26.31 -8.62 1.56
C ALA A 326 -27.37 -8.51 0.47
N GLU A 327 -27.61 -9.61 -0.25
CA GLU A 327 -28.64 -9.59 -1.28
C GLU A 327 -30.02 -9.36 -0.67
N LYS A 328 -30.38 -10.15 0.34
CA LYS A 328 -31.70 -10.05 0.93
C LYS A 328 -31.90 -8.71 1.64
N LEU A 329 -30.92 -8.32 2.47
CA LEU A 329 -31.08 -7.08 3.20
C LEU A 329 -30.96 -5.86 2.31
N GLY A 330 -30.20 -5.96 1.22
CA GLY A 330 -30.12 -4.86 0.26
C GLY A 330 -31.45 -4.59 -0.40
N ASN A 331 -32.15 -5.65 -0.83
CA ASN A 331 -33.49 -5.47 -1.39
C ASN A 331 -34.43 -4.83 -0.38
N LEU A 332 -34.40 -5.30 0.87
CA LEU A 332 -35.25 -4.71 1.89
C LEU A 332 -34.91 -3.25 2.11
N PHE A 333 -33.61 -2.94 2.18
CA PHE A 333 -33.18 -1.57 2.39
C PHE A 333 -33.66 -0.64 1.29
N ARG A 334 -33.43 -1.00 0.02
CA ARG A 334 -33.85 -0.11 -1.06
C ARG A 334 -35.36 0.03 -1.12
N SER A 335 -36.10 -1.06 -0.85
CA SER A 335 -37.55 -0.97 -0.81
C SER A 335 -38.03 0.03 0.24
N GLU A 336 -37.42 -0.03 1.42
CA GLU A 336 -37.84 0.88 2.51
C GLU A 336 -37.44 2.32 2.21
N ILE A 337 -36.25 2.52 1.65
CA ILE A 337 -35.81 3.87 1.33
C ILE A 337 -36.67 4.45 0.21
N GLU A 338 -37.06 3.63 -0.77
CA GLU A 338 -37.99 4.09 -1.80
C GLU A 338 -39.29 4.60 -1.18
N LYS A 339 -39.78 3.93 -0.15
CA LYS A 339 -41.00 4.41 0.52
C LYS A 339 -40.75 5.75 1.19
N LEU A 340 -39.58 5.93 1.80
CA LEU A 340 -39.23 7.20 2.42
C LEU A 340 -39.13 8.32 1.39
N ILE A 341 -38.57 8.01 0.23
CA ILE A 341 -38.41 9.01 -0.83
C ILE A 341 -39.76 9.60 -1.22
N GLU A 342 -40.81 8.78 -1.18
CA GLU A 342 -42.15 9.28 -1.50
C GLU A 342 -42.71 10.23 -0.46
N LYS A 343 -42.10 10.33 0.72
CA LYS A 343 -42.58 11.16 1.81
C LYS A 343 -41.85 12.50 1.93
N THR A 344 -40.83 12.74 1.10
CA THR A 344 -39.97 13.89 1.29
C THR A 344 -39.57 14.46 -0.06
N ASP A 345 -39.24 15.74 -0.08
CA ASP A 345 -38.64 16.37 -1.25
C ASP A 345 -37.13 16.42 -1.16
N LEU A 346 -36.55 15.85 -0.11
CA LEU A 346 -35.12 15.97 0.16
C LEU A 346 -34.30 14.95 -0.62
N ILE A 347 -34.88 13.83 -1.02
CA ILE A 347 -34.15 12.73 -1.65
C ILE A 347 -34.74 12.49 -3.03
N THR A 348 -33.88 12.47 -4.04
CA THR A 348 -34.31 12.24 -5.41
C THR A 348 -34.45 10.77 -5.75
N LYS A 349 -33.46 9.95 -5.36
CA LYS A 349 -33.48 8.54 -5.72
CA LYS A 349 -33.44 8.55 -5.76
C LYS A 349 -32.50 7.78 -4.83
N VAL A 350 -32.70 6.47 -4.79
CA VAL A 350 -31.77 5.54 -4.17
C VAL A 350 -31.35 4.53 -5.23
N ARG A 351 -30.06 4.16 -5.22
CA ARG A 351 -29.52 3.26 -6.21
C ARG A 351 -28.51 2.36 -5.54
N GLY A 352 -28.40 1.14 -6.05
CA GLY A 352 -27.37 0.25 -5.55
C GLY A 352 -27.68 -1.21 -5.82
N LYS A 353 -26.76 -2.05 -5.36
CA LYS A 353 -26.88 -3.52 -5.41
C LYS A 353 -26.39 -4.05 -4.07
N GLY A 354 -27.04 -5.10 -3.57
CA GLY A 354 -26.67 -5.61 -2.26
C GLY A 354 -26.71 -4.51 -1.21
N LEU A 355 -25.66 -4.42 -0.38
CA LEU A 355 -25.56 -3.34 0.60
C LEU A 355 -24.56 -2.27 0.15
N LEU A 356 -24.40 -2.08 -1.15
CA LEU A 356 -23.69 -0.92 -1.71
C LEU A 356 -24.76 -0.01 -2.30
N ASN A 357 -25.19 0.97 -1.50
CA ASN A 357 -26.30 1.82 -1.90
C ASN A 357 -25.93 3.27 -1.67
N ALA A 358 -26.69 4.18 -2.28
CA ALA A 358 -26.46 5.60 -2.06
C ALA A 358 -27.75 6.34 -2.41
N ILE A 359 -27.96 7.49 -1.77
CA ILE A 359 -29.09 8.35 -2.10
C ILE A 359 -28.58 9.64 -2.71
N LEU A 360 -29.30 10.15 -3.69
CA LEU A 360 -29.03 11.45 -4.26
C LEU A 360 -29.91 12.46 -3.54
N ILE A 361 -29.29 13.48 -2.95
CA ILE A 361 -30.02 14.54 -2.28
C ILE A 361 -30.50 15.56 -3.30
N ASN A 362 -31.70 16.11 -3.07
CA ASN A 362 -32.32 17.06 -3.99
C ASN A 362 -31.77 18.47 -3.76
N ASP A 363 -30.48 18.63 -4.02
CA ASP A 363 -29.80 19.91 -3.94
C ASP A 363 -28.54 19.84 -4.79
N THR A 364 -27.90 20.98 -4.97
CA THR A 364 -26.76 21.10 -5.85
C THR A 364 -25.51 20.50 -5.21
N PRO A 365 -24.51 20.15 -6.01
CA PRO A 365 -23.26 19.63 -5.44
C PRO A 365 -22.51 20.64 -4.62
N ASP A 366 -22.76 21.93 -4.80
CA ASP A 366 -22.12 22.97 -4.00
C ASP A 366 -22.86 23.28 -2.71
N SER A 367 -23.99 22.63 -2.47
CA SER A 367 -24.83 22.94 -1.31
C SER A 367 -24.37 22.18 -0.07
N SER A 368 -24.80 22.66 1.09
CA SER A 368 -24.44 22.03 2.35
C SER A 368 -25.45 21.00 2.83
N THR A 369 -26.51 20.76 2.05
CA THR A 369 -27.65 19.98 2.54
C THR A 369 -27.24 18.56 2.92
N ALA A 370 -26.53 17.87 2.02
CA ALA A 370 -26.15 16.49 2.32
C ALA A 370 -25.22 16.43 3.54
N TRP A 371 -24.29 17.38 3.65
CA TRP A 371 -23.43 17.43 4.83
C TRP A 371 -24.26 17.62 6.09
N ASN A 372 -25.19 18.58 6.06
CA ASN A 372 -26.02 18.80 7.25
C ASN A 372 -26.88 17.59 7.56
N LEU A 373 -27.33 16.86 6.53
CA LEU A 373 -28.09 15.64 6.78
C LEU A 373 -27.21 14.60 7.45
N CYS A 374 -25.93 14.54 7.08
CA CYS A 374 -25.03 13.59 7.72
C CYS A 374 -24.72 13.99 9.15
N LEU A 375 -24.65 15.28 9.46
CA LEU A 375 -24.53 15.69 10.86
C LEU A 375 -25.76 15.26 11.64
N ALA A 376 -26.95 15.39 11.04
CA ALA A 376 -28.17 15.00 11.74
C ALA A 376 -28.27 13.48 11.90
N LEU A 377 -27.86 12.72 10.88
CA LEU A 377 -27.79 11.26 11.03
C LEU A 377 -26.86 10.89 12.18
N LYS A 378 -25.70 11.55 12.26
CA LYS A 378 -24.75 11.27 13.33
C LYS A 378 -25.38 11.49 14.70
N GLU A 379 -26.07 12.62 14.88
CA GLU A 379 -26.71 12.87 16.17
C GLU A 379 -27.72 11.78 16.51
N ASN A 380 -28.33 11.17 15.50
CA ASN A 380 -29.31 10.10 15.69
C ASN A 380 -28.69 8.70 15.69
N GLY A 381 -27.36 8.62 15.70
CA GLY A 381 -26.70 7.34 15.88
C GLY A 381 -26.31 6.57 14.64
N LEU A 382 -26.17 7.24 13.49
CA LEU A 382 -25.79 6.56 12.26
C LEU A 382 -24.78 7.41 11.50
N LEU A 383 -23.66 6.80 11.12
CA LEU A 383 -22.55 7.54 10.52
C LEU A 383 -22.50 7.33 9.01
N ALA A 384 -22.54 8.43 8.27
CA ALA A 384 -22.36 8.42 6.82
C ALA A 384 -21.74 9.76 6.43
N LYS A 385 -21.23 9.84 5.21
CA LYS A 385 -20.57 11.06 4.75
CA LYS A 385 -20.57 11.05 4.75
C LYS A 385 -20.93 11.30 3.29
N PRO A 386 -21.11 12.54 2.88
CA PRO A 386 -21.40 12.81 1.47
C PRO A 386 -20.20 12.62 0.58
N THR A 387 -20.49 12.42 -0.69
CA THR A 387 -19.49 12.50 -1.75
C THR A 387 -20.05 13.39 -2.84
N HIS A 388 -19.15 14.15 -3.47
CA HIS A 388 -19.52 15.07 -4.55
C HIS A 388 -20.66 16.01 -4.14
N GLY A 389 -20.72 16.35 -2.86
CA GLY A 389 -21.61 17.40 -2.42
C GLY A 389 -23.03 16.99 -2.12
N ASN A 390 -23.65 16.18 -2.98
CA ASN A 390 -25.08 15.91 -2.81
C ASN A 390 -25.44 14.43 -2.88
N ILE A 391 -24.48 13.53 -2.65
CA ILE A 391 -24.75 12.11 -2.62
C ILE A 391 -24.31 11.57 -1.27
N ILE A 392 -25.13 10.71 -0.66
CA ILE A 392 -24.77 10.06 0.60
C ILE A 392 -24.70 8.55 0.37
N ARG A 393 -23.52 7.98 0.58
CA ARG A 393 -23.38 6.53 0.52
C ARG A 393 -23.96 5.90 1.77
N LEU A 394 -24.62 4.76 1.60
CA LEU A 394 -25.28 4.04 2.69
C LEU A 394 -24.87 2.57 2.58
N ALA A 395 -23.85 2.19 3.35
CA ALA A 395 -23.17 0.91 3.13
C ALA A 395 -22.69 0.34 4.46
N PRO A 396 -23.57 -0.33 5.20
CA PRO A 396 -23.17 -0.91 6.50
C PRO A 396 -22.42 -2.21 6.31
N PRO A 397 -21.76 -2.71 7.35
CA PRO A 397 -21.18 -4.06 7.27
C PRO A 397 -22.25 -5.09 6.96
N LEU A 398 -21.84 -6.14 6.26
CA LEU A 398 -22.79 -7.13 5.77
C LEU A 398 -23.31 -8.01 6.89
N VAL A 399 -22.71 -7.96 8.07
CA VAL A 399 -23.16 -8.75 9.22
C VAL A 399 -24.35 -8.13 9.92
N ILE A 400 -24.85 -6.99 9.43
CA ILE A 400 -26.02 -6.36 10.03
C ILE A 400 -27.19 -7.33 10.01
N THR A 401 -27.97 -7.34 11.10
CA THR A 401 -29.16 -8.18 11.14
C THR A 401 -30.34 -7.45 10.50
N GLU A 402 -31.40 -8.22 10.21
CA GLU A 402 -32.60 -7.58 9.69
C GLU A 402 -33.17 -6.58 10.69
N GLU A 403 -33.19 -6.93 11.97
CA GLU A 403 -33.71 -5.99 12.98
C GLU A 403 -32.87 -4.72 13.02
N GLN A 404 -31.55 -4.85 12.96
CA GLN A 404 -30.69 -3.66 12.94
C GLN A 404 -30.90 -2.85 11.67
N LEU A 405 -31.04 -3.52 10.53
CA LEU A 405 -31.25 -2.81 9.27
C LEU A 405 -32.52 -1.97 9.35
N LEU A 406 -33.61 -2.56 9.86
CA LEU A 406 -34.86 -1.81 9.97
C LEU A 406 -34.77 -0.68 11.00
N ASP A 407 -33.97 -0.88 12.05
CA ASP A 407 -33.70 0.22 12.98
C ASP A 407 -32.97 1.36 12.29
N CYS A 408 -32.01 1.02 11.43
CA CYS A 408 -31.30 2.04 10.66
C CYS A 408 -32.25 2.76 9.70
N VAL A 409 -33.16 2.02 9.06
CA VAL A 409 -34.18 2.68 8.23
C VAL A 409 -34.99 3.67 9.07
N LYS A 410 -35.36 3.27 10.29
CA LYS A 410 -36.12 4.17 11.15
C LYS A 410 -35.30 5.41 11.50
N ILE A 411 -34.00 5.24 11.73
CA ILE A 411 -33.14 6.40 12.03
C ILE A 411 -33.08 7.34 10.83
N ILE A 412 -32.90 6.78 9.64
CA ILE A 412 -32.87 7.60 8.43
C ILE A 412 -34.21 8.29 8.21
N GLU A 413 -35.31 7.55 8.39
CA GLU A 413 -36.64 8.14 8.25
C GLU A 413 -36.81 9.30 9.21
N LYS A 414 -36.50 9.08 10.49
CA LYS A 414 -36.63 10.13 11.49
C LYS A 414 -35.81 11.36 11.11
N THR A 415 -34.56 11.13 10.69
CA THR A 415 -33.66 12.22 10.35
C THR A 415 -34.19 13.02 9.17
N ILE A 416 -34.64 12.33 8.13
CA ILE A 416 -35.15 12.98 6.93
C ILE A 416 -36.45 13.72 7.22
N LEU A 417 -37.39 13.07 7.93
CA LEU A 417 -38.71 13.65 8.09
C LEU A 417 -38.69 14.84 9.05
N GLU A 418 -37.74 14.89 9.97
CA GLU A 418 -37.62 16.00 10.91
C GLU A 418 -36.76 17.14 10.36
N PHE A 419 -36.06 16.93 9.26
CA PHE A 419 -35.12 17.93 8.73
C PHE A 419 -35.87 19.12 8.12
N THR B 12 2.69 -34.98 2.87
CA THR B 12 2.72 -34.08 4.00
C THR B 12 3.21 -32.69 3.60
N LYS B 13 2.92 -31.70 4.44
CA LYS B 13 3.12 -30.30 4.06
C LYS B 13 4.53 -29.86 4.48
N ASN B 14 5.52 -30.30 3.70
CA ASN B 14 6.89 -29.89 3.89
C ASN B 14 7.22 -28.69 3.00
N SER B 15 8.49 -28.30 2.95
CA SER B 15 8.88 -27.12 2.18
C SER B 15 8.52 -27.28 0.70
N GLU B 16 8.85 -28.44 0.12
CA GLU B 16 8.55 -28.65 -1.30
C GLU B 16 7.06 -28.53 -1.57
N TYR B 17 6.22 -29.00 -0.64
CA TYR B 17 4.78 -28.88 -0.81
C TYR B 17 4.36 -27.43 -1.01
N PHE B 18 4.87 -26.53 -0.17
CA PHE B 18 4.49 -25.12 -0.26
C PHE B 18 5.06 -24.48 -1.51
N ILE B 19 6.29 -24.86 -1.88
CA ILE B 19 6.89 -24.33 -3.10
C ILE B 19 6.04 -24.74 -4.30
N GLU B 20 5.54 -25.99 -4.31
CA GLU B 20 4.73 -26.45 -5.42
C GLU B 20 3.36 -25.79 -5.44
N LEU B 21 2.77 -25.50 -4.27
CA LEU B 21 1.52 -24.75 -4.24
C LEU B 21 1.67 -23.40 -4.94
N GLU B 22 2.77 -22.70 -4.65
CA GLU B 22 2.98 -21.39 -5.25
C GLU B 22 3.27 -21.48 -6.74
N GLU B 23 4.03 -22.51 -7.18
CA GLU B 23 4.25 -22.65 -8.62
C GLU B 23 2.92 -22.82 -9.34
N LYS B 24 1.98 -23.54 -8.73
CA LYS B 24 0.72 -23.84 -9.40
C LYS B 24 -0.25 -22.68 -9.36
N HIS B 25 -0.34 -21.99 -8.23
CA HIS B 25 -1.43 -21.06 -8.02
C HIS B 25 -1.01 -19.62 -7.82
N GLY B 26 0.28 -19.32 -7.87
CA GLY B 26 0.77 -17.95 -7.73
C GLY B 26 1.48 -17.49 -8.99
N ALA B 27 1.39 -16.19 -9.26
CA ALA B 27 2.14 -15.62 -10.38
C ALA B 27 3.63 -15.87 -10.19
N HIS B 28 4.32 -16.05 -11.31
CA HIS B 28 5.76 -16.33 -11.28
C HIS B 28 6.59 -15.06 -11.38
N ASN B 29 6.27 -14.06 -10.56
CA ASN B 29 6.99 -12.79 -10.66
C ASN B 29 8.21 -12.71 -9.78
N TYR B 30 8.53 -13.78 -9.02
CA TYR B 30 9.74 -13.80 -8.20
C TYR B 30 10.44 -15.15 -8.33
N HIS B 31 11.75 -15.13 -8.06
CA HIS B 31 12.57 -16.32 -7.95
C HIS B 31 13.23 -16.29 -6.57
N PRO B 32 12.52 -16.75 -5.54
CA PRO B 32 13.07 -16.69 -4.19
C PRO B 32 14.15 -17.74 -3.98
N LEU B 33 15.00 -17.50 -2.99
CA LEU B 33 15.87 -18.55 -2.51
C LEU B 33 14.99 -19.70 -2.01
N PRO B 34 15.31 -20.95 -2.32
CA PRO B 34 14.42 -22.09 -2.02
C PRO B 34 14.41 -22.47 -0.55
N VAL B 35 13.85 -21.57 0.26
CA VAL B 35 13.64 -21.82 1.70
C VAL B 35 12.25 -21.32 2.02
N VAL B 36 11.51 -22.09 2.84
CA VAL B 36 10.12 -21.77 3.15
C VAL B 36 10.06 -21.48 4.64
N LEU B 37 9.89 -20.21 4.99
CA LEU B 37 9.94 -19.76 6.37
C LEU B 37 8.57 -19.77 7.02
N ASP B 38 8.52 -20.19 8.29
CA ASP B 38 7.25 -20.16 8.97
CA ASP B 38 7.30 -20.32 9.05
C ASP B 38 7.29 -19.53 10.36
N ARG B 39 8.46 -19.13 10.87
CA ARG B 39 8.52 -18.44 12.14
CA ARG B 39 8.49 -18.41 12.13
C ARG B 39 9.69 -17.47 12.13
N GLY B 40 9.54 -16.35 12.82
CA GLY B 40 10.66 -15.45 12.99
C GLY B 40 10.71 -14.91 14.39
N GLU B 41 11.91 -14.77 14.94
CA GLU B 41 12.08 -14.12 16.23
C GLU B 41 13.42 -13.39 16.22
N GLY B 42 13.37 -12.08 16.29
CA GLY B 42 14.60 -11.32 16.37
C GLY B 42 15.37 -11.46 15.08
N VAL B 43 16.65 -11.86 15.20
CA VAL B 43 17.49 -12.07 14.03
C VAL B 43 17.26 -13.42 13.35
N PHE B 44 16.42 -14.28 13.91
CA PHE B 44 16.31 -15.66 13.44
C PHE B 44 15.00 -15.94 12.75
N VAL B 45 15.06 -16.85 11.78
CA VAL B 45 13.85 -17.38 11.16
C VAL B 45 14.00 -18.90 11.09
N TRP B 46 12.87 -19.60 11.07
CA TRP B 46 12.86 -21.05 10.97
C TRP B 46 12.10 -21.48 9.73
N ASP B 47 12.58 -22.53 9.07
CA ASP B 47 11.84 -23.05 7.93
C ASP B 47 10.84 -24.11 8.40
N VAL B 48 10.08 -24.65 7.44
CA VAL B 48 8.99 -25.56 7.77
C VAL B 48 9.52 -26.81 8.44
N GLU B 49 10.75 -27.23 8.10
CA GLU B 49 11.35 -28.41 8.72
C GLU B 49 12.01 -28.09 10.07
N GLY B 50 11.97 -26.85 10.51
CA GLY B 50 12.49 -26.48 11.81
C GLY B 50 13.94 -26.05 11.83
N LYS B 51 14.58 -25.92 10.68
CA LYS B 51 15.95 -25.42 10.67
C LYS B 51 15.97 -23.93 10.91
N LYS B 52 16.95 -23.47 11.70
CA LYS B 52 17.05 -22.07 12.08
C LYS B 52 18.11 -21.37 11.24
N TYR B 53 17.82 -20.12 10.85
CA TYR B 53 18.75 -19.31 10.06
C TYR B 53 18.82 -17.90 10.62
N TYR B 54 20.00 -17.29 10.50
CA TYR B 54 20.08 -15.84 10.59
C TYR B 54 19.48 -15.20 9.34
N ASP B 55 18.61 -14.21 9.53
CA ASP B 55 18.06 -13.43 8.43
C ASP B 55 18.99 -12.26 8.15
N PHE B 56 19.70 -12.31 7.00
CA PHE B 56 20.62 -11.25 6.62
C PHE B 56 20.06 -10.38 5.50
N LEU B 57 18.74 -10.33 5.39
CA LEU B 57 18.10 -9.39 4.49
C LEU B 57 17.17 -8.42 5.21
N SER B 58 16.59 -8.84 6.34
CA SER B 58 15.63 -8.00 7.07
C SER B 58 14.50 -7.52 6.17
N ALA B 59 14.09 -8.36 5.21
CA ALA B 59 13.01 -8.03 4.28
C ALA B 59 13.29 -6.70 3.58
N TYR B 60 14.53 -6.57 3.09
CA TYR B 60 15.00 -5.36 2.42
C TYR B 60 14.93 -4.15 3.35
N SER B 61 15.36 -4.36 4.60
CA SER B 61 15.51 -3.32 5.62
C SER B 61 14.17 -2.81 6.13
N ALA B 62 13.13 -3.65 6.11
CA ALA B 62 11.91 -3.34 6.83
C ALA B 62 11.92 -3.93 8.24
N VAL B 63 12.59 -5.06 8.45
CA VAL B 63 12.54 -5.68 9.78
C VAL B 63 13.76 -5.24 10.58
N ASN B 64 13.91 -3.92 10.76
CA ASN B 64 15.07 -3.42 11.49
C ASN B 64 15.01 -3.80 12.96
N GLN B 65 13.80 -3.91 13.51
CA GLN B 65 13.58 -4.18 14.91
C GLN B 65 13.54 -5.66 15.24
N GLY B 66 13.83 -6.52 14.26
CA GLY B 66 13.76 -7.96 14.49
C GLY B 66 12.38 -8.51 14.25
N HIS B 67 12.33 -9.80 13.92
CA HIS B 67 11.04 -10.43 13.65
C HIS B 67 10.23 -10.56 14.93
N SER B 68 8.93 -10.31 14.83
CA SER B 68 8.00 -10.57 15.93
C SER B 68 8.46 -9.87 17.22
N HIS B 69 8.83 -8.60 17.11
CA HIS B 69 9.29 -7.88 18.31
C HIS B 69 8.14 -7.78 19.30
N PRO B 70 8.34 -8.20 20.55
CA PRO B 70 7.21 -8.22 21.51
CA PRO B 70 7.22 -8.23 21.50
C PRO B 70 6.49 -6.90 21.66
N LYS B 71 7.20 -5.76 21.68
CA LYS B 71 6.51 -4.48 21.83
C LYS B 71 5.66 -4.16 20.62
N ILE B 72 6.08 -4.58 19.43
CA ILE B 72 5.32 -4.26 18.22
C ILE B 72 4.15 -5.21 18.06
N VAL B 73 4.37 -6.50 18.33
CA VAL B 73 3.25 -7.44 18.39
C VAL B 73 2.22 -6.96 19.40
N GLU B 74 2.66 -6.53 20.59
CA GLU B 74 1.77 -5.99 21.61
C GLU B 74 0.89 -4.90 21.05
N ALA B 75 1.51 -3.94 20.38
CA ALA B 75 0.76 -2.78 19.89
C ALA B 75 -0.26 -3.20 18.85
N LEU B 76 0.13 -4.12 17.96
CA LEU B 76 -0.78 -4.60 16.93
C LEU B 76 -1.97 -5.32 17.55
N VAL B 77 -1.72 -6.21 18.51
CA VAL B 77 -2.80 -6.96 19.15
CA VAL B 77 -2.84 -6.95 19.08
C VAL B 77 -3.76 -6.02 19.87
N GLU B 78 -3.21 -5.09 20.65
CA GLU B 78 -4.04 -4.16 21.41
C GLU B 78 -4.96 -3.38 20.48
N GLN B 79 -4.39 -2.81 19.41
CA GLN B 79 -5.20 -1.95 18.54
C GLN B 79 -6.12 -2.74 17.62
N ALA B 80 -5.64 -3.87 17.07
CA ALA B 80 -6.48 -4.62 16.15
C ALA B 80 -7.73 -5.16 16.84
N SER B 81 -7.63 -5.42 18.14
CA SER B 81 -8.76 -5.93 18.91
C SER B 81 -9.81 -4.86 19.12
N LYS B 82 -9.42 -3.60 18.99
CA LYS B 82 -10.24 -2.45 19.35
C LYS B 82 -10.84 -1.79 18.12
N LEU B 83 -9.99 -1.36 17.19
CA LEU B 83 -10.45 -0.70 15.98
C LEU B 83 -9.29 -0.62 14.99
N ALA B 84 -9.47 -1.16 13.79
CA ALA B 84 -8.36 -1.19 12.84
C ALA B 84 -8.53 -0.24 11.67
N LEU B 85 -9.76 0.12 11.31
CA LEU B 85 -9.93 0.93 10.10
C LEU B 85 -11.22 1.74 10.20
N THR B 86 -11.12 3.06 9.98
CA THR B 86 -12.30 3.90 9.83
C THR B 86 -12.45 4.51 8.45
N SER B 87 -11.35 4.59 7.67
CA SER B 87 -11.16 5.48 6.52
C SER B 87 -11.01 6.92 7.00
N ARG B 88 -10.61 7.81 6.11
CA ARG B 88 -10.48 9.21 6.48
C ARG B 88 -11.81 9.95 6.43
N ALA B 89 -12.92 9.24 6.21
CA ALA B 89 -14.23 9.87 6.33
C ALA B 89 -14.52 10.32 7.75
N PHE B 90 -13.87 9.69 8.74
CA PHE B 90 -14.02 10.01 10.15
C PHE B 90 -12.62 10.14 10.74
N TYR B 91 -12.53 10.76 11.92
CA TYR B 91 -11.27 10.70 12.66
C TYR B 91 -11.15 9.39 13.44
N ASN B 92 -9.91 8.94 13.65
CA ASN B 92 -9.64 7.88 14.61
C ASN B 92 -8.78 8.46 15.73
N SER B 93 -8.75 7.77 16.88
CA SER B 93 -8.13 8.36 18.05
C SER B 93 -6.63 8.11 18.14
N LYS B 94 -6.03 7.41 17.17
CA LYS B 94 -4.60 7.15 17.24
C LYS B 94 -3.77 8.03 16.32
N LEU B 95 -4.36 8.52 15.22
CA LEU B 95 -3.56 9.22 14.20
C LEU B 95 -2.94 10.49 14.77
N GLY B 96 -3.72 11.31 15.48
CA GLY B 96 -3.15 12.54 16.03
C GLY B 96 -1.96 12.29 16.94
N GLU B 97 -2.06 11.26 17.80
CA GLU B 97 -0.96 10.96 18.70
C GLU B 97 0.28 10.51 17.93
N TYR B 98 0.08 9.71 16.89
CA TYR B 98 1.20 9.29 16.05
C TYR B 98 1.81 10.47 15.30
N GLU B 99 0.96 11.35 14.74
CA GLU B 99 1.48 12.50 14.02
C GLU B 99 2.32 13.38 14.95
N GLN B 100 1.84 13.61 16.18
CA GLN B 100 2.61 14.40 17.14
C GLN B 100 3.93 13.73 17.47
N LYS B 101 3.90 12.41 17.64
CA LYS B 101 5.11 11.68 18.01
C LYS B 101 6.16 11.78 16.92
N ILE B 102 5.80 11.46 15.67
CA ILE B 102 6.83 11.37 14.64
C ILE B 102 7.33 12.75 14.24
N THR B 103 6.44 13.76 14.22
CA THR B 103 6.92 15.10 13.88
C THR B 103 7.85 15.64 14.96
N SER B 104 7.54 15.38 16.23
CA SER B 104 8.42 15.82 17.31
CA SER B 104 8.42 15.82 17.31
C SER B 104 9.77 15.12 17.23
N LEU B 105 9.75 13.81 16.96
CA LEU B 105 10.97 13.02 16.96
C LEU B 105 11.92 13.49 15.87
N LEU B 106 11.40 13.83 14.70
CA LEU B 106 12.22 14.13 13.55
C LEU B 106 12.38 15.62 13.28
N GLY B 107 11.65 16.49 13.98
CA GLY B 107 11.85 17.91 13.85
C GLY B 107 11.17 18.53 12.65
N PHE B 108 9.97 18.06 12.32
CA PHE B 108 9.15 18.64 11.25
C PHE B 108 7.82 19.09 11.83
N ASP B 109 7.16 20.03 11.13
CA ASP B 109 5.86 20.49 11.60
C ASP B 109 4.78 19.43 11.37
N LYS B 110 4.76 18.80 10.20
CA LYS B 110 3.62 17.98 9.81
C LYS B 110 4.06 16.71 9.10
N VAL B 111 3.17 15.72 9.14
CA VAL B 111 3.39 14.44 8.47
C VAL B 111 2.13 14.09 7.69
N LEU B 112 2.34 13.45 6.56
CA LEU B 112 1.23 12.95 5.73
C LEU B 112 1.38 11.44 5.73
N PRO B 113 0.45 10.70 6.36
CA PRO B 113 0.61 9.25 6.47
C PRO B 113 0.08 8.51 5.26
N MET B 114 0.83 7.48 4.84
CA MET B 114 0.48 6.67 3.69
CA MET B 114 0.45 6.66 3.70
C MET B 114 0.78 5.21 4.00
N ASN B 115 0.66 4.35 2.98
CA ASN B 115 0.87 2.91 3.14
C ASN B 115 2.21 2.46 2.58
N SER B 116 2.49 2.75 1.31
CA SER B 116 3.61 2.15 0.61
C SER B 116 4.73 3.15 0.35
N GLY B 117 5.91 2.61 0.05
CA GLY B 117 7.03 3.49 -0.27
C GLY B 117 6.80 4.28 -1.54
N ALA B 118 6.28 3.63 -2.58
CA ALA B 118 6.02 4.33 -3.83
C ALA B 118 4.96 5.41 -3.66
N GLU B 119 3.93 5.12 -2.86
CA GLU B 119 2.92 6.13 -2.53
CA GLU B 119 2.93 6.14 -2.56
C GLU B 119 3.57 7.37 -1.93
N ALA B 120 4.48 7.15 -0.98
CA ALA B 120 5.11 8.27 -0.30
C ALA B 120 6.02 9.05 -1.24
N VAL B 121 6.76 8.36 -2.09
CA VAL B 121 7.61 9.05 -3.07
C VAL B 121 6.74 9.90 -4.01
N GLU B 122 5.66 9.31 -4.54
CA GLU B 122 4.78 10.05 -5.44
C GLU B 122 4.14 11.24 -4.74
N THR B 123 3.76 11.07 -3.48
CA THR B 123 3.18 12.17 -2.72
C THR B 123 4.20 13.27 -2.48
N ALA B 124 5.45 12.91 -2.19
CA ALA B 124 6.48 13.91 -2.01
C ALA B 124 6.69 14.72 -3.29
N VAL B 125 6.69 14.03 -4.44
CA VAL B 125 6.82 14.71 -5.73
C VAL B 125 5.63 15.65 -5.95
N LYS B 126 4.41 15.16 -5.72
CA LYS B 126 3.23 16.01 -5.94
C LYS B 126 3.27 17.23 -5.02
N LEU B 127 3.69 17.04 -3.77
CA LEU B 127 3.77 18.14 -2.82
C LEU B 127 4.81 19.18 -3.26
N ALA B 128 5.98 18.73 -3.71
CA ALA B 128 6.99 19.68 -4.16
C ALA B 128 6.48 20.48 -5.36
N ARG B 129 5.81 19.82 -6.31
CA ARG B 129 5.27 20.53 -7.46
CA ARG B 129 5.28 20.54 -7.46
C ARG B 129 4.24 21.56 -7.03
N LYS B 130 3.40 21.23 -6.06
CA LYS B 130 2.39 22.18 -5.60
C LYS B 130 3.04 23.36 -4.90
N TRP B 131 4.06 23.09 -4.06
CA TRP B 131 4.84 24.16 -3.45
C TRP B 131 5.43 25.08 -4.53
N SER B 132 6.04 24.50 -5.56
CA SER B 132 6.69 25.35 -6.56
C SER B 132 5.69 26.19 -7.34
N TYR B 133 4.42 25.77 -7.39
CA TYR B 133 3.40 26.55 -8.06
C TYR B 133 2.90 27.68 -7.15
N GLU B 134 2.52 27.34 -5.91
CA GLU B 134 1.93 28.31 -5.02
CA GLU B 134 1.91 28.32 -5.03
C GLU B 134 2.95 29.28 -4.43
N VAL B 135 4.16 28.81 -4.17
CA VAL B 135 5.18 29.63 -3.53
C VAL B 135 6.18 30.16 -4.53
N LYS B 136 6.75 29.29 -5.37
CA LYS B 136 7.82 29.71 -6.25
C LYS B 136 7.30 30.40 -7.51
N GLY B 137 6.11 30.04 -7.97
CA GLY B 137 5.52 30.67 -9.13
C GLY B 137 5.64 29.93 -10.44
N ILE B 138 6.09 28.68 -10.41
CA ILE B 138 6.12 27.88 -11.64
C ILE B 138 4.70 27.47 -12.01
N ALA B 139 4.41 27.47 -13.32
CA ALA B 139 3.09 27.06 -13.78
C ALA B 139 2.81 25.62 -13.36
N GLU B 140 1.53 25.23 -13.47
CA GLU B 140 1.03 24.01 -12.83
C GLU B 140 1.82 22.78 -13.27
N ASN B 141 1.77 22.45 -14.55
CA ASN B 141 2.46 21.27 -15.08
C ASN B 141 3.85 21.59 -15.60
N ALA B 142 4.48 22.65 -15.10
CA ALA B 142 5.76 23.11 -15.63
C ALA B 142 6.96 22.81 -14.74
N ALA B 143 6.74 22.45 -13.48
CA ALA B 143 7.86 22.21 -12.57
C ALA B 143 8.49 20.85 -12.82
N LYS B 144 9.83 20.82 -12.84
CA LYS B 144 10.58 19.59 -13.01
C LYS B 144 11.21 19.14 -11.69
N ILE B 145 11.44 17.84 -11.57
CA ILE B 145 12.08 17.22 -10.41
C ILE B 145 13.39 16.60 -10.86
N ILE B 146 14.49 16.93 -10.19
CA ILE B 146 15.77 16.27 -10.43
C ILE B 146 15.81 14.97 -9.64
N VAL B 147 16.25 13.89 -10.28
CA VAL B 147 16.41 12.58 -9.65
C VAL B 147 17.74 12.00 -10.12
N CYS B 148 18.21 10.96 -9.42
CA CYS B 148 19.47 10.32 -9.74
C CYS B 148 19.24 9.00 -10.45
N GLU B 149 20.11 8.71 -11.42
CA GLU B 149 20.12 7.41 -12.07
C GLU B 149 20.39 6.32 -11.04
N ASN B 150 19.67 5.20 -11.17
CA ASN B 150 19.74 4.13 -10.18
C ASN B 150 20.87 3.14 -10.49
N THR B 176 10.39 9.58 -19.18
CA THR B 176 9.94 10.15 -17.91
C THR B 176 9.94 11.67 -17.95
N PRO B 177 8.96 12.28 -18.60
CA PRO B 177 8.91 13.74 -18.68
C PRO B 177 8.57 14.35 -17.33
N GLY B 178 9.08 15.56 -17.11
CA GLY B 178 8.95 16.21 -15.83
C GLY B 178 10.01 15.83 -14.82
N PHE B 179 10.94 14.95 -15.20
CA PHE B 179 12.04 14.53 -14.34
C PHE B 179 13.35 14.68 -15.09
N ILE B 180 14.33 15.29 -14.42
CA ILE B 180 15.68 15.43 -14.96
C ILE B 180 16.55 14.42 -14.25
N ARG B 181 17.17 13.52 -15.01
CA ARG B 181 17.97 12.43 -14.46
C ARG B 181 19.45 12.78 -14.56
N ILE B 182 20.13 12.81 -13.43
CA ILE B 182 21.57 13.04 -13.37
C ILE B 182 22.21 11.82 -12.72
N PRO B 183 23.52 11.64 -12.88
CA PRO B 183 24.18 10.54 -12.18
C PRO B 183 24.14 10.75 -10.67
N TYR B 184 24.09 9.64 -9.93
CA TYR B 184 24.22 9.68 -8.48
C TYR B 184 25.62 10.12 -8.09
N ASN B 185 25.74 10.72 -6.90
CA ASN B 185 27.03 11.07 -6.34
C ASN B 185 27.82 11.98 -7.28
N ASP B 186 27.14 12.96 -7.86
CA ASP B 186 27.72 13.82 -8.89
C ASP B 186 27.29 15.25 -8.61
N ILE B 187 28.09 15.97 -7.83
CA ILE B 187 27.77 17.35 -7.50
C ILE B 187 27.83 18.23 -8.75
N ALA B 188 28.81 17.98 -9.63
CA ALA B 188 28.96 18.80 -10.82
C ALA B 188 27.72 18.73 -11.71
N ALA B 189 27.16 17.53 -11.88
CA ALA B 189 25.96 17.39 -12.69
C ALA B 189 24.78 18.13 -12.07
N LEU B 190 24.63 18.04 -10.75
CA LEU B 190 23.55 18.78 -10.09
C LEU B 190 23.74 20.28 -10.26
N GLU B 191 24.97 20.77 -10.06
CA GLU B 191 25.24 22.20 -10.19
C GLU B 191 24.94 22.68 -11.61
N GLU B 192 25.25 21.85 -12.62
CA GLU B 192 24.99 22.26 -14.00
C GLU B 192 23.49 22.38 -14.27
N VAL B 193 22.71 21.42 -13.78
CA VAL B 193 21.26 21.47 -13.98
C VAL B 193 20.66 22.68 -13.27
N LEU B 194 21.09 22.93 -12.03
CA LEU B 194 20.59 24.08 -11.29
C LEU B 194 20.99 25.39 -11.97
N SER B 195 22.24 25.51 -12.42
CA SER B 195 22.67 26.74 -13.06
C SER B 195 21.94 27.00 -14.36
N LYS B 196 21.48 25.95 -15.04
CA LYS B 196 20.84 26.10 -16.33
C LYS B 196 19.33 26.29 -16.24
N GLU B 197 18.67 25.72 -15.23
CA GLU B 197 17.21 25.80 -15.21
C GLU B 197 16.60 25.60 -13.83
N ALA B 198 17.25 26.12 -12.78
CA ALA B 198 16.65 26.04 -11.45
C ALA B 198 15.31 26.74 -11.39
N GLY B 199 15.11 27.79 -12.19
CA GLY B 199 13.85 28.51 -12.17
C GLY B 199 12.65 27.66 -12.55
N ASN B 200 12.86 26.55 -13.25
CA ASN B 200 11.78 25.66 -13.63
C ASN B 200 11.78 24.37 -12.82
N ILE B 201 12.58 24.29 -11.75
CA ILE B 201 12.77 23.07 -11.00
C ILE B 201 12.14 23.23 -9.62
N ALA B 202 11.33 22.24 -9.23
CA ALA B 202 10.70 22.23 -7.91
C ALA B 202 11.58 21.58 -6.84
N ALA B 203 12.31 20.53 -7.18
CA ALA B 203 12.94 19.76 -6.13
C ALA B 203 14.03 18.87 -6.70
N PHE B 204 14.96 18.48 -5.82
CA PHE B 204 15.91 17.40 -6.02
C PHE B 204 15.52 16.27 -5.07
N LEU B 205 15.29 15.08 -5.62
CA LEU B 205 14.85 13.92 -4.87
CA LEU B 205 14.86 13.93 -4.84
C LEU B 205 15.98 12.90 -4.89
N VAL B 206 16.49 12.53 -3.72
CA VAL B 206 17.72 11.72 -3.66
C VAL B 206 17.71 10.85 -2.42
N GLU B 207 18.29 9.64 -2.55
CA GLU B 207 18.57 8.71 -1.46
C GLU B 207 19.94 8.98 -0.85
N PRO B 208 20.03 9.02 0.47
CA PRO B 208 21.34 9.25 1.11
C PRO B 208 22.34 8.16 0.82
N ILE B 209 21.86 6.95 0.56
CA ILE B 209 22.63 5.80 0.07
C ILE B 209 21.73 5.10 -0.93
N GLN B 210 22.28 4.71 -2.08
CA GLN B 210 21.50 3.99 -3.07
C GLN B 210 21.56 2.49 -2.78
N GLY B 211 20.39 1.89 -2.56
CA GLY B 211 20.32 0.49 -2.24
C GLY B 211 19.88 -0.40 -3.38
N GLU B 212 19.46 0.21 -4.50
CA GLU B 212 18.97 -0.53 -5.66
C GLU B 212 20.04 -1.46 -6.23
N ALA B 213 21.08 -0.88 -6.82
CA ALA B 213 22.12 -1.70 -7.45
C ALA B 213 22.81 -2.59 -6.43
N GLY B 214 23.14 -2.02 -5.27
CA GLY B 214 23.77 -2.74 -4.18
C GLY B 214 23.74 -1.84 -2.96
N VAL B 215 24.91 -1.36 -2.54
CA VAL B 215 24.97 -0.30 -1.53
C VAL B 215 25.98 0.74 -1.99
N TYR B 216 25.50 1.79 -2.65
CA TYR B 216 26.33 2.85 -3.20
C TYR B 216 26.31 3.99 -2.19
N VAL B 217 27.38 4.12 -1.42
CA VAL B 217 27.55 5.22 -0.48
C VAL B 217 28.17 6.39 -1.23
N PRO B 218 27.56 7.58 -1.23
CA PRO B 218 28.14 8.71 -1.95
C PRO B 218 29.37 9.24 -1.23
N ASN B 219 30.09 10.13 -1.93
CA ASN B 219 31.30 10.73 -1.38
C ASN B 219 30.95 11.53 -0.13
N GLU B 220 31.92 11.63 0.78
CA GLU B 220 31.82 12.53 1.92
C GLU B 220 31.43 13.92 1.47
N GLY B 221 30.37 14.46 2.07
CA GLY B 221 29.94 15.81 1.78
C GLY B 221 28.92 15.94 0.66
N PHE B 222 28.65 14.85 -0.08
CA PHE B 222 27.73 14.94 -1.22
C PHE B 222 26.35 15.42 -0.79
N LEU B 223 25.79 14.80 0.26
CA LEU B 223 24.44 15.14 0.66
C LEU B 223 24.36 16.57 1.16
N LYS B 224 25.33 17.00 1.96
CA LYS B 224 25.28 18.36 2.52
C LYS B 224 25.47 19.41 1.43
N GLN B 225 26.42 19.20 0.52
CA GLN B 225 26.61 20.17 -0.57
CA GLN B 225 26.60 20.16 -0.56
C GLN B 225 25.39 20.21 -1.47
N SER B 226 24.77 19.04 -1.73
CA SER B 226 23.53 19.00 -2.51
C SER B 226 22.44 19.81 -1.83
N SER B 227 22.27 19.59 -0.52
CA SER B 227 21.25 20.32 0.23
CA SER B 227 21.24 20.32 0.20
C SER B 227 21.50 21.82 0.18
N GLU B 228 22.78 22.23 0.30
CA GLU B 228 23.08 23.65 0.26
CA GLU B 228 23.11 23.65 0.25
C GLU B 228 22.86 24.23 -1.13
N LEU B 229 23.22 23.47 -2.18
CA LEU B 229 23.01 23.96 -3.54
C LEU B 229 21.53 24.16 -3.82
N CYS B 230 20.68 23.24 -3.36
CA CYS B 230 19.24 23.38 -3.57
C CYS B 230 18.71 24.62 -2.88
N LYS B 231 19.10 24.83 -1.62
CA LYS B 231 18.64 26.01 -0.91
C LYS B 231 19.08 27.30 -1.61
N LYS B 232 20.32 27.32 -2.10
CA LYS B 232 20.81 28.52 -2.79
C LYS B 232 20.00 28.83 -4.03
N HIS B 233 19.49 27.81 -4.72
CA HIS B 233 18.74 28.00 -5.95
C HIS B 233 17.23 27.92 -5.76
N ASN B 234 16.76 27.98 -4.51
CA ASN B 234 15.33 27.98 -4.20
C ASN B 234 14.65 26.73 -4.75
N VAL B 235 15.27 25.59 -4.48
CA VAL B 235 14.80 24.28 -4.92
C VAL B 235 14.68 23.39 -3.68
N LEU B 236 13.60 22.62 -3.60
CA LEU B 236 13.40 21.77 -2.43
C LEU B 236 14.37 20.60 -2.45
N PHE B 237 14.82 20.20 -1.28
CA PHE B 237 15.66 19.01 -1.13
C PHE B 237 14.83 17.92 -0.48
N ILE B 238 14.61 16.83 -1.20
CA ILE B 238 13.75 15.73 -0.74
C ILE B 238 14.64 14.53 -0.50
N ALA B 239 14.68 14.06 0.74
CA ALA B 239 15.48 12.88 1.09
C ALA B 239 14.57 11.66 1.10
N ASP B 240 14.85 10.72 0.21
CA ASP B 240 14.12 9.46 0.13
C ASP B 240 14.83 8.50 1.07
N GLU B 241 14.26 8.29 2.25
CA GLU B 241 14.83 7.42 3.26
C GLU B 241 13.93 6.21 3.54
N VAL B 242 13.17 5.79 2.52
CA VAL B 242 12.38 4.56 2.65
C VAL B 242 13.28 3.39 3.04
N GLN B 243 14.47 3.31 2.43
CA GLN B 243 15.39 2.20 2.72
C GLN B 243 16.38 2.56 3.83
N THR B 244 16.87 3.80 3.85
CA THR B 244 17.95 4.18 4.77
C THR B 244 17.46 4.60 6.14
N GLY B 245 16.18 4.95 6.26
CA GLY B 245 15.68 5.53 7.49
C GLY B 245 15.49 4.50 8.59
N ILE B 246 15.25 5.02 9.80
CA ILE B 246 14.91 4.25 10.99
C ILE B 246 16.08 3.36 11.42
N ALA B 247 17.23 3.99 11.70
CA ALA B 247 18.37 3.46 12.45
C ALA B 247 19.30 2.57 11.62
N ARG B 248 18.89 2.11 10.42
CA ARG B 248 19.66 1.10 9.69
C ARG B 248 21.11 1.55 9.42
N THR B 249 21.33 2.84 9.13
CA THR B 249 22.68 3.31 8.80
C THR B 249 23.45 3.87 9.99
N GLY B 250 22.92 3.73 11.20
CA GLY B 250 23.64 4.19 12.38
C GLY B 250 23.16 5.53 12.93
N LYS B 251 22.14 6.12 12.32
CA LYS B 251 21.47 7.30 12.84
C LYS B 251 19.99 7.14 12.57
N LEU B 252 19.15 7.93 13.25
CA LEU B 252 17.71 7.72 13.11
C LEU B 252 17.28 7.86 11.66
N ILE B 253 17.81 8.86 10.96
CA ILE B 253 17.75 8.91 9.51
C ILE B 253 19.15 9.20 9.02
N ALA B 254 19.46 8.73 7.80
CA ALA B 254 20.82 8.88 7.30
C ALA B 254 21.20 10.34 7.07
N CYS B 255 20.22 11.23 6.86
CA CYS B 255 20.51 12.65 6.76
C CYS B 255 21.26 13.16 7.98
N HIS B 256 20.99 12.57 9.15
CA HIS B 256 21.65 13.04 10.37
C HIS B 256 23.15 12.84 10.32
N HIS B 257 23.62 11.81 9.60
CA HIS B 257 25.07 11.61 9.42
C HIS B 257 25.73 12.86 8.86
N GLU B 258 25.01 13.57 7.99
CA GLU B 258 25.58 14.62 7.15
C GLU B 258 25.13 16.00 7.58
N ASP B 259 24.41 16.10 8.71
CA ASP B 259 23.86 17.37 9.20
C ASP B 259 22.97 18.04 8.17
N VAL B 260 22.19 17.22 7.45
CA VAL B 260 21.19 17.70 6.52
C VAL B 260 19.83 17.55 7.18
N GLN B 261 19.06 18.63 7.20
CA GLN B 261 17.63 18.54 7.45
C GLN B 261 16.95 18.79 6.13
N PRO B 262 16.33 17.78 5.51
CA PRO B 262 15.75 17.97 4.19
C PRO B 262 14.46 18.78 4.27
N ASP B 263 14.08 19.37 3.14
CA ASP B 263 12.80 20.07 3.08
C ASP B 263 11.64 19.09 3.18
N ILE B 264 11.76 17.94 2.53
CA ILE B 264 10.76 16.88 2.59
C ILE B 264 11.48 15.58 2.91
N LEU B 265 10.98 14.85 3.89
CA LEU B 265 11.54 13.55 4.28
C LEU B 265 10.55 12.45 3.92
N ILE B 266 11.03 11.39 3.29
CA ILE B 266 10.21 10.23 2.93
C ILE B 266 10.64 9.04 3.77
N LEU B 267 9.70 8.42 4.48
CA LEU B 267 9.99 7.24 5.27
C LEU B 267 9.08 6.08 4.86
N GLY B 268 9.54 4.87 5.11
CA GLY B 268 8.75 3.69 4.81
C GLY B 268 9.33 2.50 5.56
N LYS B 269 9.13 1.30 4.99
CA LYS B 269 9.68 0.03 5.45
C LYS B 269 9.75 -0.10 6.98
N ALA B 270 10.91 0.15 7.58
CA ALA B 270 11.06 -0.13 9.02
C ALA B 270 10.26 0.80 9.92
N LEU B 271 9.61 1.81 9.37
CA LEU B 271 8.67 2.63 10.15
C LEU B 271 7.65 1.77 10.89
N SER B 272 7.33 0.59 10.36
CA SER B 272 6.41 -0.34 10.99
C SER B 272 7.09 -1.60 11.52
N GLY B 273 8.41 -1.68 11.44
CA GLY B 273 9.12 -2.90 11.75
C GLY B 273 8.74 -4.05 10.84
N GLY B 274 8.05 -3.76 9.73
CA GLY B 274 7.61 -4.81 8.83
C GLY B 274 6.28 -5.43 9.19
N MET B 275 5.62 -4.93 10.24
CA MET B 275 4.39 -5.51 10.75
C MET B 275 3.17 -5.06 9.97
N TYR B 276 3.29 -3.97 9.21
CA TYR B 276 2.14 -3.36 8.56
C TYR B 276 2.67 -2.40 7.52
N PRO B 277 2.07 -2.28 6.33
CA PRO B 277 2.62 -1.31 5.36
C PRO B 277 2.34 0.11 5.82
N VAL B 278 3.39 0.83 6.25
CA VAL B 278 3.26 2.21 6.72
C VAL B 278 4.38 3.05 6.10
N SER B 279 4.02 4.21 5.56
CA SER B 279 4.99 5.15 5.01
C SER B 279 4.57 6.55 5.42
N ALA B 280 5.45 7.52 5.17
CA ALA B 280 5.17 8.87 5.61
C ALA B 280 5.95 9.89 4.79
N VAL B 281 5.36 11.08 4.66
CA VAL B 281 6.03 12.25 4.11
C VAL B 281 5.98 13.34 5.17
N LEU B 282 7.15 13.88 5.54
CA LEU B 282 7.23 14.95 6.52
C LEU B 282 7.77 16.22 5.89
N ALA B 283 7.27 17.36 6.35
CA ALA B 283 7.72 18.66 5.87
C ALA B 283 7.23 19.72 6.85
N ASN B 284 7.85 20.89 6.78
CA ASN B 284 7.42 22.00 7.62
C ASN B 284 6.23 22.72 7.01
N ASN B 285 5.68 23.66 7.77
CA ASN B 285 4.43 24.29 7.37
C ASN B 285 4.59 25.13 6.09
N ASN B 286 5.78 25.65 5.82
CA ASN B 286 5.98 26.43 4.61
C ASN B 286 5.74 25.60 3.36
N ILE B 287 5.93 24.29 3.46
CA ILE B 287 5.61 23.38 2.37
C ILE B 287 4.19 22.83 2.52
N MET B 288 3.86 22.31 3.71
CA MET B 288 2.55 21.68 3.88
C MET B 288 1.39 22.65 3.81
N ASP B 289 1.65 23.97 3.87
CA ASP B 289 0.57 24.94 3.77
C ASP B 289 -0.18 24.86 2.44
N VAL B 290 0.43 24.27 1.41
CA VAL B 290 -0.20 24.23 0.10
C VAL B 290 -1.24 23.12 -0.01
N ILE B 291 -1.36 22.27 0.99
CA ILE B 291 -2.21 21.09 0.93
C ILE B 291 -3.63 21.47 1.33
N LYS B 292 -4.60 21.07 0.53
CA LYS B 292 -6.02 21.21 0.81
C LYS B 292 -6.70 19.89 0.52
N PRO B 293 -7.89 19.65 1.08
CA PRO B 293 -8.58 18.38 0.82
C PRO B 293 -8.90 18.24 -0.66
N GLY B 294 -8.70 17.02 -1.17
CA GLY B 294 -8.85 16.73 -2.58
C GLY B 294 -10.03 15.81 -2.87
N GLN B 295 -10.07 15.36 -4.13
CA GLN B 295 -11.15 14.51 -4.60
C GLN B 295 -10.92 13.03 -4.32
N HIS B 296 -9.69 12.55 -4.50
CA HIS B 296 -9.35 11.16 -4.23
C HIS B 296 -8.60 11.06 -2.91
N GLY B 297 -8.82 9.94 -2.20
CA GLY B 297 -8.19 9.71 -0.92
C GLY B 297 -7.63 8.30 -0.82
N SER B 298 -6.96 8.05 0.30
CA SER B 298 -6.46 6.73 0.66
C SER B 298 -7.30 6.17 1.80
N THR B 299 -7.92 5.02 1.56
CA THR B 299 -8.74 4.35 2.57
C THR B 299 -7.92 3.97 3.79
N PHE B 300 -6.76 3.32 3.58
CA PHE B 300 -5.98 2.78 4.68
C PHE B 300 -4.94 3.74 5.25
N GLY B 301 -4.54 4.78 4.51
CA GLY B 301 -3.49 5.65 5.03
C GLY B 301 -3.88 6.29 6.34
N GLY B 302 -3.01 6.21 7.36
CA GLY B 302 -3.30 6.83 8.64
C GLY B 302 -4.26 6.07 9.53
N ASN B 303 -4.58 4.81 9.21
CA ASN B 303 -5.55 4.07 10.00
C ASN B 303 -4.97 3.77 11.40
N PRO B 304 -5.83 3.49 12.38
CA PRO B 304 -5.34 3.41 13.77
C PRO B 304 -4.41 2.24 14.03
N LEU B 305 -4.58 1.15 13.29
CA LEU B 305 -3.68 0.00 13.46
C LEU B 305 -2.29 0.33 12.94
N ALA B 306 -2.20 0.93 11.75
CA ALA B 306 -0.92 1.38 11.23
C ALA B 306 -0.23 2.30 12.23
N CYS B 307 -0.99 3.23 12.81
CA CYS B 307 -0.39 4.22 13.70
C CYS B 307 0.09 3.58 15.00
N ALA B 308 -0.70 2.67 15.55
CA ALA B 308 -0.26 2.01 16.79
C ALA B 308 1.02 1.23 16.56
N VAL B 309 1.10 0.53 15.43
CA VAL B 309 2.30 -0.23 15.10
C VAL B 309 3.50 0.69 14.92
N ALA B 310 3.32 1.78 14.17
CA ALA B 310 4.46 2.65 13.90
C ALA B 310 4.97 3.32 15.17
N MET B 311 4.07 3.71 16.08
CA MET B 311 4.51 4.31 17.34
C MET B 311 5.36 3.32 18.14
N ALA B 312 4.94 2.06 18.20
CA ALA B 312 5.72 1.04 18.90
C ALA B 312 7.04 0.79 18.19
N ALA B 313 7.04 0.76 16.85
CA ALA B 313 8.28 0.49 16.11
C ALA B 313 9.31 1.60 16.31
N LEU B 314 8.83 2.85 16.36
CA LEU B 314 9.71 3.97 16.67
C LEU B 314 10.23 3.89 18.09
N ASP B 315 9.37 3.53 19.04
CA ASP B 315 9.81 3.40 20.42
C ASP B 315 10.91 2.34 20.57
N VAL B 316 10.79 1.23 19.84
CA VAL B 316 11.85 0.21 19.90
C VAL B 316 13.19 0.79 19.48
N VAL B 317 13.19 1.54 18.38
CA VAL B 317 14.44 2.09 17.85
C VAL B 317 15.08 3.02 18.87
N GLN B 318 14.29 3.88 19.50
CA GLN B 318 14.84 4.81 20.48
C GLN B 318 15.19 4.10 21.80
N ASP B 319 14.28 3.28 22.32
CA ASP B 319 14.51 2.67 23.63
C ASP B 319 15.70 1.72 23.62
N GLU B 320 15.88 0.97 22.54
CA GLU B 320 16.98 0.01 22.47
C GLU B 320 18.21 0.59 21.78
N LYS B 321 18.22 1.89 21.50
CA LYS B 321 19.37 2.60 20.92
C LYS B 321 19.90 1.85 19.70
N LEU B 322 18.97 1.52 18.79
CA LEU B 322 19.34 0.71 17.64
C LEU B 322 20.22 1.47 16.65
N SER B 323 20.12 2.81 16.61
CA SER B 323 21.05 3.57 15.79
C SER B 323 22.49 3.36 16.25
N GLU B 324 22.74 3.50 17.56
CA GLU B 324 24.06 3.25 18.11
C GLU B 324 24.50 1.81 17.85
N ARG B 325 23.59 0.85 18.05
CA ARG B 325 23.93 -0.55 17.81
C ARG B 325 24.33 -0.77 16.35
N ALA B 326 23.57 -0.19 15.42
CA ALA B 326 23.88 -0.41 14.01
C ALA B 326 25.21 0.25 13.64
N GLU B 327 25.50 1.41 14.22
CA GLU B 327 26.76 2.07 13.94
C GLU B 327 27.94 1.24 14.41
N LYS B 328 27.88 0.75 15.65
CA LYS B 328 29.01 0.04 16.23
C LYS B 328 29.18 -1.33 15.59
N LEU B 329 28.07 -2.05 15.43
CA LEU B 329 28.15 -3.39 14.84
C LEU B 329 28.44 -3.32 13.36
N GLY B 330 28.00 -2.27 12.67
CA GLY B 330 28.33 -2.11 11.27
C GLY B 330 29.83 -1.91 11.04
N ASN B 331 30.47 -1.10 11.88
CA ASN B 331 31.91 -0.96 11.80
C ASN B 331 32.62 -2.28 12.05
N LEU B 332 32.15 -3.04 13.04
CA LEU B 332 32.76 -4.34 13.32
C LEU B 332 32.56 -5.29 12.15
N PHE B 333 31.38 -5.27 11.54
CA PHE B 333 31.09 -6.21 10.46
C PHE B 333 31.97 -5.96 9.25
N ARG B 334 32.08 -4.68 8.84
CA ARG B 334 32.89 -4.39 7.67
C ARG B 334 34.36 -4.69 7.94
N SER B 335 34.82 -4.43 9.15
CA SER B 335 36.20 -4.76 9.51
C SER B 335 36.44 -6.26 9.43
N GLU B 336 35.51 -7.06 9.94
CA GLU B 336 35.68 -8.51 9.89
C GLU B 336 35.59 -9.02 8.47
N ILE B 337 34.67 -8.48 7.66
CA ILE B 337 34.57 -8.95 6.28
C ILE B 337 35.83 -8.57 5.50
N GLU B 338 36.41 -7.41 5.80
CA GLU B 338 37.66 -7.04 5.14
C GLU B 338 38.76 -8.05 5.45
N LYS B 339 38.81 -8.58 6.67
CA LYS B 339 39.79 -9.63 6.96
C LYS B 339 39.52 -10.87 6.12
N LEU B 340 38.24 -11.25 5.99
CA LEU B 340 37.90 -12.41 5.18
C LEU B 340 38.31 -12.21 3.73
N ILE B 341 38.13 -10.99 3.21
CA ILE B 341 38.49 -10.70 1.83
C ILE B 341 39.96 -10.99 1.57
N GLU B 342 40.81 -10.82 2.58
CA GLU B 342 42.23 -11.15 2.43
C GLU B 342 42.47 -12.62 2.10
N LYS B 343 41.53 -13.49 2.44
CA LYS B 343 41.73 -14.93 2.35
C LYS B 343 41.14 -15.55 1.10
N THR B 344 40.49 -14.76 0.25
CA THR B 344 39.74 -15.29 -0.88
C THR B 344 39.89 -14.37 -2.08
N ASP B 345 39.74 -14.95 -3.27
CA ASP B 345 39.53 -14.20 -4.51
C ASP B 345 38.06 -14.05 -4.88
N LEU B 346 37.15 -14.58 -4.06
CA LEU B 346 35.73 -14.60 -4.40
C LEU B 346 35.04 -13.27 -4.15
N ILE B 347 35.51 -12.49 -3.18
CA ILE B 347 34.87 -11.25 -2.78
C ILE B 347 35.79 -10.10 -3.16
N THR B 348 35.26 -9.12 -3.88
CA THR B 348 36.07 -7.99 -4.31
C THR B 348 36.15 -6.91 -3.24
N LYS B 349 35.02 -6.52 -2.69
CA LYS B 349 34.97 -5.45 -1.70
C LYS B 349 33.68 -5.53 -0.91
N VAL B 350 33.67 -4.86 0.23
CA VAL B 350 32.47 -4.67 1.04
C VAL B 350 32.25 -3.17 1.20
N ARG B 351 30.98 -2.75 1.14
CA ARG B 351 30.63 -1.34 1.24
C ARG B 351 29.37 -1.21 2.09
N GLY B 352 29.21 -0.04 2.72
CA GLY B 352 27.96 0.24 3.39
C GLY B 352 28.14 1.21 4.54
N LYS B 353 27.02 1.45 5.22
CA LYS B 353 26.97 2.28 6.41
C LYS B 353 26.06 1.60 7.42
N GLY B 354 26.42 1.69 8.71
CA GLY B 354 25.63 0.96 9.68
C GLY B 354 25.54 -0.50 9.32
N LEU B 355 24.35 -1.07 9.44
CA LEU B 355 24.12 -2.45 9.05
C LEU B 355 23.41 -2.56 7.71
N LEU B 356 23.60 -1.56 6.84
CA LEU B 356 23.22 -1.64 5.43
C LEU B 356 24.51 -1.86 4.65
N ASN B 357 24.81 -3.14 4.37
CA ASN B 357 26.09 -3.50 3.76
C ASN B 357 25.87 -4.46 2.61
N ALA B 358 26.89 -4.56 1.76
CA ALA B 358 26.83 -5.47 0.61
C ALA B 358 28.25 -5.83 0.21
N ILE B 359 28.39 -7.01 -0.42
CA ILE B 359 29.68 -7.45 -0.95
C ILE B 359 29.55 -7.64 -2.44
N LEU B 360 30.61 -7.28 -3.17
CA LEU B 360 30.69 -7.48 -4.60
C LEU B 360 31.47 -8.77 -4.85
N ILE B 361 30.83 -9.73 -5.52
CA ILE B 361 31.48 -10.99 -5.85
C ILE B 361 32.32 -10.78 -7.11
N ASN B 362 33.48 -11.47 -7.15
CA ASN B 362 34.44 -11.33 -8.24
C ASN B 362 34.01 -12.17 -9.44
N ASP B 363 32.90 -11.75 -10.06
CA ASP B 363 32.38 -12.39 -11.25
C ASP B 363 31.41 -11.42 -11.92
N THR B 364 30.93 -11.80 -13.10
CA THR B 364 30.13 -10.93 -13.93
C THR B 364 28.68 -10.87 -13.45
N PRO B 365 27.94 -9.82 -13.82
CA PRO B 365 26.53 -9.76 -13.41
C PRO B 365 25.67 -10.85 -14.03
N ASP B 366 26.11 -11.44 -15.13
CA ASP B 366 25.37 -12.51 -15.79
C ASP B 366 25.75 -13.89 -15.29
N SER B 367 26.57 -13.98 -14.24
CA SER B 367 27.03 -15.27 -13.74
C SER B 367 26.14 -15.75 -12.59
N SER B 368 26.34 -17.02 -12.22
CA SER B 368 25.56 -17.64 -11.16
C SER B 368 26.29 -17.71 -9.83
N THR B 369 27.50 -17.14 -9.73
CA THR B 369 28.34 -17.34 -8.55
C THR B 369 27.68 -16.79 -7.29
N ALA B 370 27.14 -15.56 -7.36
CA ALA B 370 26.53 -14.99 -6.17
C ALA B 370 25.33 -15.81 -5.70
N TRP B 371 24.47 -16.22 -6.64
CA TRP B 371 23.36 -17.11 -6.29
C TRP B 371 23.85 -18.39 -5.63
N ASN B 372 24.87 -19.02 -6.23
CA ASN B 372 25.37 -20.28 -5.67
C ASN B 372 25.97 -20.05 -4.29
N LEU B 373 26.66 -18.91 -4.10
CA LEU B 373 27.16 -18.56 -2.77
C LEU B 373 26.01 -18.44 -1.78
N CYS B 374 24.87 -17.89 -2.22
CA CYS B 374 23.75 -17.72 -1.31
C CYS B 374 23.11 -19.07 -0.97
N LEU B 375 23.07 -20.00 -1.93
CA LEU B 375 22.59 -21.34 -1.60
C LEU B 375 23.49 -21.98 -0.55
N ALA B 376 24.80 -21.80 -0.67
CA ALA B 376 25.73 -22.38 0.30
C ALA B 376 25.62 -21.70 1.67
N LEU B 377 25.48 -20.36 1.68
CA LEU B 377 25.22 -19.67 2.94
C LEU B 377 23.98 -20.23 3.63
N LYS B 378 22.92 -20.45 2.85
CA LYS B 378 21.69 -21.02 3.41
CA LYS B 378 21.70 -21.01 3.42
C LYS B 378 21.97 -22.36 4.08
N GLU B 379 22.74 -23.22 3.42
CA GLU B 379 23.03 -24.53 4.02
C GLU B 379 23.75 -24.36 5.35
N ASN B 380 24.55 -23.32 5.49
CA ASN B 380 25.32 -23.08 6.70
C ASN B 380 24.59 -22.16 7.68
N GLY B 381 23.33 -21.86 7.43
CA GLY B 381 22.47 -21.21 8.41
C GLY B 381 22.35 -19.71 8.32
N LEU B 382 22.57 -19.11 7.15
CA LEU B 382 22.46 -17.67 7.00
C LEU B 382 21.79 -17.38 5.68
N LEU B 383 20.76 -16.53 5.69
CA LEU B 383 19.92 -16.26 4.53
C LEU B 383 20.29 -14.90 3.93
N ALA B 384 20.66 -14.90 2.66
CA ALA B 384 20.90 -13.68 1.92
C ALA B 384 20.51 -13.95 0.47
N LYS B 385 20.37 -12.87 -0.30
CA LYS B 385 20.01 -13.06 -1.70
C LYS B 385 20.80 -12.06 -2.53
N PRO B 386 21.16 -12.44 -3.75
CA PRO B 386 21.92 -11.51 -4.61
C PRO B 386 21.02 -10.45 -5.22
N THR B 387 21.68 -9.38 -5.65
CA THR B 387 21.04 -8.37 -6.49
C THR B 387 22.00 -8.00 -7.61
N HIS B 388 21.43 -7.72 -8.79
CA HIS B 388 22.21 -7.39 -9.98
C HIS B 388 23.25 -8.48 -10.30
N GLY B 389 22.97 -9.71 -9.89
CA GLY B 389 23.77 -10.84 -10.33
C GLY B 389 25.04 -11.14 -9.55
N ASN B 390 25.80 -10.10 -9.17
CA ASN B 390 27.09 -10.33 -8.54
C ASN B 390 27.27 -9.52 -7.25
N ILE B 391 26.17 -9.07 -6.65
CA ILE B 391 26.22 -8.37 -5.36
C ILE B 391 25.34 -9.13 -4.39
N ILE B 392 25.81 -9.29 -3.16
CA ILE B 392 25.02 -9.93 -2.09
C ILE B 392 24.79 -8.89 -1.00
N ARG B 393 23.53 -8.59 -0.73
CA ARG B 393 23.20 -7.71 0.38
C ARG B 393 23.42 -8.43 1.70
N LEU B 394 23.96 -7.73 2.69
CA LEU B 394 24.19 -8.29 4.03
C LEU B 394 23.61 -7.30 5.04
N ALA B 395 22.41 -7.56 5.52
CA ALA B 395 21.64 -6.57 6.29
C ALA B 395 20.78 -7.26 7.33
N PRO B 396 21.35 -7.63 8.47
CA PRO B 396 20.59 -8.31 9.52
C PRO B 396 19.77 -7.30 10.31
N PRO B 397 18.81 -7.78 11.11
CA PRO B 397 18.09 -6.86 12.01
C PRO B 397 19.05 -6.19 12.99
N LEU B 398 18.72 -4.96 13.35
CA LEU B 398 19.59 -4.12 14.16
C LEU B 398 19.72 -4.62 15.59
N VAL B 399 18.84 -5.53 16.01
CA VAL B 399 18.88 -6.10 17.36
C VAL B 399 19.93 -7.18 17.51
N ILE B 400 20.65 -7.51 16.44
CA ILE B 400 21.70 -8.53 16.51
C ILE B 400 22.72 -8.12 17.56
N THR B 401 23.27 -9.12 18.28
CA THR B 401 24.31 -8.88 19.27
C THR B 401 25.68 -9.03 18.64
N GLU B 402 26.69 -8.53 19.36
CA GLU B 402 28.06 -8.71 18.88
C GLU B 402 28.40 -10.18 18.72
N GLU B 403 28.02 -11.01 19.70
CA GLU B 403 28.33 -12.44 19.62
C GLU B 403 27.65 -13.08 18.41
N GLN B 404 26.41 -12.69 18.13
CA GLN B 404 25.73 -13.22 16.95
C GLN B 404 26.38 -12.71 15.67
N LEU B 405 26.76 -11.42 15.64
CA LEU B 405 27.38 -10.86 14.46
C LEU B 405 28.68 -11.58 14.13
N LEU B 406 29.50 -11.86 15.14
CA LEU B 406 30.75 -12.57 14.89
C LEU B 406 30.49 -14.02 14.46
N ASP B 407 29.44 -14.64 14.98
CA ASP B 407 29.04 -15.97 14.54
C ASP B 407 28.63 -15.94 13.07
N CYS B 408 27.93 -14.88 12.66
CA CYS B 408 27.59 -14.72 11.25
C CYS B 408 28.83 -14.55 10.39
N VAL B 409 29.80 -13.78 10.87
CA VAL B 409 31.07 -13.68 10.15
C VAL B 409 31.71 -15.05 9.99
N LYS B 410 31.69 -15.87 11.06
CA LYS B 410 32.25 -17.21 10.97
C LYS B 410 31.50 -18.07 9.94
N ILE B 411 30.18 -17.92 9.86
CA ILE B 411 29.41 -18.66 8.86
C ILE B 411 29.80 -18.23 7.46
N ILE B 412 29.93 -16.92 7.25
CA ILE B 412 30.34 -16.41 5.94
C ILE B 412 31.74 -16.89 5.60
N GLU B 413 32.66 -16.82 6.56
CA GLU B 413 34.02 -17.30 6.33
C GLU B 413 34.03 -18.77 5.95
N LYS B 414 33.33 -19.61 6.73
CA LYS B 414 33.26 -21.03 6.42
C LYS B 414 32.75 -21.25 5.00
N THR B 415 31.68 -20.56 4.64
CA THR B 415 31.06 -20.74 3.32
C THR B 415 32.02 -20.33 2.20
N ILE B 416 32.67 -19.18 2.37
CA ILE B 416 33.61 -18.68 1.36
C ILE B 416 34.80 -19.62 1.23
N LEU B 417 35.41 -19.98 2.36
CA LEU B 417 36.62 -20.78 2.31
C LEU B 417 36.38 -22.21 1.85
N GLU B 418 35.18 -22.73 2.04
CA GLU B 418 34.83 -24.07 1.58
C GLU B 418 34.29 -24.10 0.15
N PHE B 419 33.95 -22.95 -0.42
CA PHE B 419 33.33 -22.86 -1.74
C PHE B 419 34.29 -23.29 -2.84
#